data_7AJS
#
_entry.id   7AJS
#
_cell.length_a   58.775
_cell.length_b   85.598
_cell.length_c   153.165
_cell.angle_alpha   90.000
_cell.angle_beta   90.000
_cell.angle_gamma   90.000
#
_symmetry.space_group_name_H-M   'P 21 21 21'
#
loop_
_entity.id
_entity.type
_entity.pdbx_description
1 polymer 'Dual specificity tyrosine-phosphorylation-regulated kinase 1A'
2 non-polymer 4-(2-methyl-1-benzofuran-5-yl)pyridine-2,6-diamine
3 non-polymer GLYCEROL
4 non-polymer 'DIMETHYL SULFOXIDE'
5 water water
#
_entity_poly.entity_id   1
_entity_poly.type   'polypeptide(L)'
_entity_poly.pdbx_seq_one_letter_code
;MGSSHHHHHHSSGLVPRG(SEP)HMIVKNGEKWMDRYEIDSLIGKGSFGQVVKAYDRVEQEWVAIKIIKNKKAFLNQAQI
EVRLLELMNKHDTEMKYYIVHLKRHFMFRNHLCLVFEMLSYNLYDLLRNTNFRGVSLNLTRKFAQQMCTALLFLATPELS
IIHCDLKPENILLCNPKRSAIKIVDFGSSCQLGQRIYQ(PTR)IQSRFYRSPEVLLGMPYDLAIDMWSLGCILVEMHTGE
PLFSGANEVDQMNKIVEVLGIPPAHILDQAPKARKFFEKLPDGTWNLKKTKDGKREYKPPGTRKLHNILGVETGGPGGRR
AGESGHTVADYLKFKDLILRMLDYDPKTRIQPYYALQHSFFAA
;
_entity_poly.pdbx_strand_id   A,B
#
loop_
_chem_comp.id
_chem_comp.type
_chem_comp.name
_chem_comp.formula
DMS non-polymer 'DIMETHYL SULFOXIDE' 'C2 H6 O S'
GOL non-polymer GLYCEROL 'C3 H8 O3'
RKH non-polymer 4-(2-methyl-1-benzofuran-5-yl)pyridine-2,6-diamine 'C14 H13 N3 O'
#
# COMPACT_ATOMS: atom_id res chain seq x y z
N VAL A 15 0.73 17.85 -14.79
CA VAL A 15 0.28 16.59 -14.12
C VAL A 15 1.24 16.30 -12.95
N PRO A 16 0.74 16.18 -11.69
CA PRO A 16 1.62 15.96 -10.55
C PRO A 16 2.31 14.58 -10.57
N ARG A 17 3.45 14.49 -9.92
CA ARG A 17 4.30 13.28 -9.94
C ARG A 17 3.89 12.32 -8.82
N GLY A 18 3.54 12.86 -7.66
CA GLY A 18 3.07 12.06 -6.51
C GLY A 18 1.62 11.60 -6.73
N SEP A 19 1.17 10.68 -5.88
CA SEP A 19 -0.21 10.21 -5.90
CB SEP A 19 -0.21 8.74 -5.51
OG SEP A 19 0.24 8.64 -4.15
C SEP A 19 -1.11 11.05 -5.00
O SEP A 19 -2.34 10.89 -5.06
P SEP A 19 1.67 7.92 -3.82
O1P SEP A 19 1.55 6.45 -4.23
O2P SEP A 19 1.84 8.11 -2.31
O3P SEP A 19 2.75 8.64 -4.62
N HIS A 20 -0.52 11.90 -4.13
CA HIS A 20 -1.27 12.58 -3.08
C HIS A 20 -1.79 13.92 -3.58
N MET A 21 -2.93 14.36 -3.07
CA MET A 21 -3.53 15.65 -3.46
C MET A 21 -2.87 16.72 -2.56
N ILE A 22 -2.41 17.83 -3.14
CA ILE A 22 -1.92 18.96 -2.31
C ILE A 22 -3.15 19.70 -1.75
N VAL A 23 -3.28 19.74 -0.44
CA VAL A 23 -4.40 20.42 0.25
C VAL A 23 -3.83 21.46 1.22
N LYS A 24 -4.23 22.72 1.08
CA LYS A 24 -3.69 23.82 1.91
C LYS A 24 -4.75 24.20 2.95
N ASN A 25 -4.44 24.02 4.24
CA ASN A 25 -5.36 24.50 5.31
C ASN A 25 -5.73 25.94 4.97
N GLY A 26 -7.03 26.24 5.00
CA GLY A 26 -7.60 27.58 4.75
C GLY A 26 -8.12 27.76 3.34
N GLU A 27 -7.74 26.91 2.38
CA GLU A 27 -8.18 27.11 0.97
C GLU A 27 -9.66 26.73 0.87
N LYS A 28 -10.32 27.10 -0.23
CA LYS A 28 -11.77 26.86 -0.45
C LYS A 28 -11.95 26.13 -1.78
N TRP A 29 -12.63 24.98 -1.77
CA TRP A 29 -12.91 24.20 -3.00
C TRP A 29 -14.30 24.53 -3.60
N MET A 30 -14.35 24.81 -4.90
CA MET A 30 -15.59 24.96 -5.72
C MET A 30 -16.53 25.97 -5.04
N ASP A 31 -15.98 27.04 -4.47
CA ASP A 31 -16.73 28.06 -3.70
CA ASP A 31 -16.71 28.08 -3.68
C ASP A 31 -17.72 27.41 -2.73
N ARG A 32 -17.32 26.31 -2.09
CA ARG A 32 -18.22 25.56 -1.17
C ARG A 32 -17.50 25.09 0.09
N TYR A 33 -16.42 24.34 -0.05
CA TYR A 33 -15.78 23.61 1.08
C TYR A 33 -14.55 24.36 1.56
N GLU A 34 -14.61 24.83 2.81
CA GLU A 34 -13.50 25.57 3.49
C GLU A 34 -12.65 24.58 4.26
N ILE A 35 -11.45 24.32 3.78
CA ILE A 35 -10.57 23.29 4.39
C ILE A 35 -10.02 23.84 5.70
N ASP A 36 -10.27 23.14 6.82
CA ASP A 36 -9.89 23.56 8.19
C ASP A 36 -8.58 22.87 8.52
N SER A 37 -8.55 21.54 8.45
CA SER A 37 -7.42 20.75 9.01
C SER A 37 -7.44 19.29 8.55
N LEU A 38 -6.29 18.66 8.71
CA LEU A 38 -6.09 17.21 8.46
C LEU A 38 -6.66 16.45 9.66
N ILE A 39 -7.57 15.53 9.39
CA ILE A 39 -8.09 14.63 10.44
C ILE A 39 -7.09 13.49 10.57
N GLY A 40 -6.68 12.90 9.46
CA GLY A 40 -5.78 11.74 9.50
C GLY A 40 -5.39 11.30 8.12
N LYS A 41 -4.26 10.59 8.03
CA LYS A 41 -3.71 10.05 6.76
C LYS A 41 -3.92 8.54 6.84
N GLY A 42 -4.06 7.86 5.71
CA GLY A 42 -4.11 6.38 5.65
C GLY A 42 -3.51 5.88 4.36
N SER A 43 -3.53 4.57 4.10
CA SER A 43 -2.95 3.97 2.87
C SER A 43 -3.74 4.49 1.65
N PHE A 44 -5.05 4.74 1.81
CA PHE A 44 -5.98 5.19 0.73
C PHE A 44 -5.67 6.64 0.32
N GLY A 45 -5.02 7.42 1.19
CA GLY A 45 -4.97 8.88 1.01
C GLY A 45 -5.25 9.61 2.30
N GLN A 46 -6.13 10.60 2.32
CA GLN A 46 -6.26 11.43 3.55
C GLN A 46 -7.73 11.81 3.81
N VAL A 47 -7.99 12.27 5.03
CA VAL A 47 -9.33 12.72 5.49
C VAL A 47 -9.16 14.14 6.05
N VAL A 48 -9.89 15.12 5.49
CA VAL A 48 -9.80 16.52 5.94
C VAL A 48 -11.16 16.97 6.52
N LYS A 49 -11.06 17.78 7.55
CA LYS A 49 -12.17 18.55 8.14
C LYS A 49 -12.38 19.80 7.30
N ALA A 50 -13.62 20.04 6.89
CA ALA A 50 -14.00 21.14 6.00
C ALA A 50 -15.40 21.58 6.37
N TYR A 51 -15.65 22.89 6.23
CA TYR A 51 -16.97 23.52 6.41
C TYR A 51 -17.63 23.65 5.05
N ASP A 52 -18.76 22.99 4.88
CA ASP A 52 -19.64 23.06 3.69
C ASP A 52 -20.53 24.28 3.87
N ARG A 53 -20.22 25.38 3.16
CA ARG A 53 -20.79 26.73 3.37
C ARG A 53 -22.22 26.71 2.81
N VAL A 54 -22.50 25.80 1.86
CA VAL A 54 -23.84 25.66 1.21
C VAL A 54 -24.82 25.05 2.22
N GLU A 55 -24.50 23.90 2.81
CA GLU A 55 -25.34 23.21 3.83
C GLU A 55 -25.12 23.78 5.23
N GLN A 56 -24.14 24.66 5.43
CA GLN A 56 -23.77 25.22 6.78
C GLN A 56 -23.50 24.10 7.79
N GLU A 57 -22.53 23.22 7.51
CA GLU A 57 -22.20 22.07 8.41
C GLU A 57 -20.77 21.61 8.19
N TRP A 58 -20.18 21.00 9.22
CA TRP A 58 -18.86 20.36 9.06
C TRP A 58 -19.05 19.08 8.27
N VAL A 59 -18.06 18.70 7.45
CA VAL A 59 -17.98 17.38 6.75
C VAL A 59 -16.54 16.85 6.92
N ALA A 60 -16.37 15.55 6.80
CA ALA A 60 -15.05 14.90 6.75
C ALA A 60 -14.89 14.45 5.30
N ILE A 61 -13.92 15.02 4.58
CA ILE A 61 -13.71 14.70 3.15
C ILE A 61 -12.62 13.64 3.05
N LYS A 62 -12.99 12.50 2.47
CA LYS A 62 -12.05 11.38 2.26
C LYS A 62 -11.48 11.52 0.85
N ILE A 63 -10.23 11.93 0.75
CA ILE A 63 -9.52 12.16 -0.54
C ILE A 63 -8.77 10.87 -0.90
N ILE A 64 -9.09 10.24 -2.04
CA ILE A 64 -8.40 9.00 -2.49
C ILE A 64 -7.17 9.38 -3.31
N LYS A 65 -6.04 8.71 -3.07
CA LYS A 65 -4.81 8.86 -3.89
C LYS A 65 -5.11 8.54 -5.35
N ASN A 66 -4.35 9.14 -6.27
CA ASN A 66 -4.43 8.85 -7.72
C ASN A 66 -3.56 7.61 -7.94
N LYS A 67 -4.10 6.46 -7.52
CA LYS A 67 -3.51 5.11 -7.65
C LYS A 67 -4.64 4.13 -7.96
N LYS A 68 -4.42 3.24 -8.93
CA LYS A 68 -5.46 2.36 -9.48
C LYS A 68 -6.03 1.46 -8.37
N ALA A 69 -5.20 0.85 -7.54
CA ALA A 69 -5.62 -0.10 -6.51
C ALA A 69 -6.59 0.60 -5.56
N PHE A 70 -6.23 1.82 -5.13
CA PHE A 70 -7.01 2.59 -4.13
C PHE A 70 -8.27 3.16 -4.74
N LEU A 71 -8.23 3.57 -6.01
CA LEU A 71 -9.42 4.08 -6.70
C LEU A 71 -10.42 2.92 -6.79
N ASN A 72 -9.96 1.72 -7.15
CA ASN A 72 -10.84 0.52 -7.28
C ASN A 72 -11.48 0.25 -5.91
N GLN A 73 -10.71 0.24 -4.83
CA GLN A 73 -11.25 -0.04 -3.46
C GLN A 73 -12.30 1.02 -3.13
N ALA A 74 -12.04 2.26 -3.46
CA ALA A 74 -12.94 3.39 -3.13
C ALA A 74 -14.23 3.25 -3.94
N GLN A 75 -14.17 2.72 -5.17
CA GLN A 75 -15.42 2.58 -5.99
C GLN A 75 -16.26 1.45 -5.42
N ILE A 76 -15.62 0.38 -4.91
CA ILE A 76 -16.32 -0.69 -4.13
C ILE A 76 -16.95 -0.04 -2.90
N GLU A 77 -16.19 0.74 -2.13
CA GLU A 77 -16.74 1.44 -0.94
C GLU A 77 -17.97 2.29 -1.35
N VAL A 78 -17.91 3.07 -2.43
CA VAL A 78 -19.05 3.98 -2.82
C VAL A 78 -20.27 3.09 -3.15
N ARG A 79 -20.10 2.03 -3.93
CA ARG A 79 -21.19 1.09 -4.28
C ARG A 79 -21.83 0.49 -3.02
N LEU A 80 -21.04 0.01 -2.07
CA LEU A 80 -21.60 -0.64 -0.83
C LEU A 80 -22.29 0.39 0.06
N LEU A 81 -21.78 1.62 0.15
CA LEU A 81 -22.42 2.63 1.02
C LEU A 81 -23.73 3.10 0.38
N GLU A 82 -23.74 3.29 -0.93
CA GLU A 82 -24.98 3.71 -1.62
C GLU A 82 -26.02 2.60 -1.53
N LEU A 83 -25.62 1.33 -1.66
CA LEU A 83 -26.52 0.15 -1.50
C LEU A 83 -27.19 0.17 -0.11
N MET A 84 -26.39 0.28 0.97
CA MET A 84 -26.88 0.40 2.38
C MET A 84 -27.86 1.58 2.52
N ASN A 85 -27.58 2.73 1.90
CA ASN A 85 -28.44 3.96 2.02
C ASN A 85 -29.88 3.76 1.52
N LYS A 86 -30.11 2.90 0.53
CA LYS A 86 -31.46 2.61 0.01
C LYS A 86 -32.34 1.87 1.03
N HIS A 87 -31.83 1.36 2.15
CA HIS A 87 -32.64 0.66 3.18
C HIS A 87 -33.34 1.66 4.12
N ASP A 88 -34.53 1.33 4.59
CA ASP A 88 -35.39 2.18 5.46
C ASP A 88 -35.02 2.11 6.95
N THR A 89 -34.61 0.94 7.43
CA THR A 89 -34.35 0.60 8.85
C THR A 89 -33.53 1.69 9.56
N GLU A 90 -33.84 1.91 10.84
CA GLU A 90 -33.02 2.70 11.78
C GLU A 90 -31.60 2.12 11.95
N MET A 91 -31.47 0.80 11.77
CA MET A 91 -30.20 0.05 11.97
C MET A 91 -29.10 0.61 11.04
N LYS A 92 -29.45 1.22 9.91
CA LYS A 92 -28.45 1.73 8.94
C LYS A 92 -27.67 2.94 9.49
N TYR A 93 -28.16 3.62 10.54
CA TYR A 93 -27.50 4.81 11.14
C TYR A 93 -26.30 4.41 12.01
N TYR A 94 -26.00 3.12 12.22
CA TYR A 94 -24.73 2.68 12.88
C TYR A 94 -23.56 2.65 11.88
N ILE A 95 -23.81 2.96 10.61
CA ILE A 95 -22.82 3.04 9.49
C ILE A 95 -22.66 4.51 9.12
N VAL A 96 -21.42 4.99 9.00
CA VAL A 96 -21.14 6.38 8.57
C VAL A 96 -21.91 6.73 7.27
N HIS A 97 -22.54 7.91 7.25
CA HIS A 97 -23.37 8.41 6.10
C HIS A 97 -22.47 9.11 5.06
N LEU A 98 -22.38 8.53 3.86
CA LEU A 98 -21.75 9.15 2.66
C LEU A 98 -22.74 10.17 2.07
N LYS A 99 -22.41 11.45 2.11
CA LYS A 99 -23.29 12.57 1.66
C LYS A 99 -23.24 12.67 0.14
N ARG A 100 -22.04 12.66 -0.45
CA ARG A 100 -21.88 12.72 -1.91
C ARG A 100 -20.45 12.34 -2.24
N HIS A 101 -20.17 12.26 -3.54
CA HIS A 101 -18.81 12.01 -4.07
C HIS A 101 -18.66 12.76 -5.41
N PHE A 102 -17.45 13.19 -5.70
CA PHE A 102 -17.11 13.91 -6.95
C PHE A 102 -15.62 13.71 -7.23
N MET A 103 -15.23 14.05 -8.47
CA MET A 103 -13.81 14.20 -8.87
C MET A 103 -13.38 15.67 -8.63
N PHE A 104 -12.21 15.88 -8.04
CA PHE A 104 -11.62 17.23 -7.87
C PHE A 104 -10.10 17.12 -7.98
N ARG A 105 -9.49 17.97 -8.82
CA ARG A 105 -8.05 17.94 -9.16
C ARG A 105 -7.65 16.49 -9.48
N ASN A 106 -8.52 15.77 -10.20
CA ASN A 106 -8.27 14.37 -10.65
C ASN A 106 -8.12 13.36 -9.48
N HIS A 107 -8.77 13.59 -8.33
CA HIS A 107 -8.88 12.62 -7.19
C HIS A 107 -10.36 12.32 -6.95
N LEU A 108 -10.70 11.06 -6.64
CA LEU A 108 -12.06 10.75 -6.15
C LEU A 108 -12.14 11.26 -4.70
N CYS A 109 -13.17 12.03 -4.38
CA CYS A 109 -13.42 12.63 -3.02
C CYS A 109 -14.79 12.19 -2.51
N LEU A 110 -14.82 11.60 -1.30
CA LEU A 110 -16.03 11.09 -0.60
C LEU A 110 -16.33 12.06 0.55
N VAL A 111 -17.51 12.65 0.54
CA VAL A 111 -17.92 13.60 1.61
C VAL A 111 -18.77 12.81 2.59
N PHE A 112 -18.27 12.69 3.82
CA PHE A 112 -18.99 12.02 4.93
C PHE A 112 -19.44 13.05 5.96
N GLU A 113 -20.49 12.74 6.73
CA GLU A 113 -20.86 13.49 7.97
C GLU A 113 -19.62 13.57 8.87
N MET A 114 -19.47 14.68 9.58
CA MET A 114 -18.39 14.87 10.57
C MET A 114 -18.69 14.00 11.79
N LEU A 115 -17.74 13.18 12.25
CA LEU A 115 -17.96 12.39 13.49
C LEU A 115 -17.02 12.99 14.53
N SER A 116 -16.68 12.24 15.58
CA SER A 116 -15.77 12.64 16.66
C SER A 116 -14.67 11.58 16.79
N TYR A 117 -14.11 11.32 17.97
CA TYR A 117 -12.87 10.51 18.00
C TYR A 117 -13.19 9.02 18.01
N ASN A 118 -12.17 8.22 17.73
CA ASN A 118 -12.33 6.75 17.54
C ASN A 118 -12.13 6.06 18.88
N LEU A 119 -12.44 4.76 18.93
CA LEU A 119 -12.43 4.02 20.22
C LEU A 119 -10.99 3.85 20.69
N TYR A 120 -9.98 3.90 19.81
CA TYR A 120 -8.57 3.85 20.27
C TYR A 120 -8.25 5.15 21.02
N ASP A 121 -8.64 6.31 20.51
CA ASP A 121 -8.37 7.63 21.16
C ASP A 121 -9.04 7.54 22.54
N LEU A 122 -10.23 6.96 22.63
CA LEU A 122 -10.98 6.81 23.89
C LEU A 122 -10.18 5.96 24.88
N LEU A 123 -9.60 4.82 24.45
CA LEU A 123 -8.71 4.02 25.33
C LEU A 123 -7.50 4.86 25.75
N ARG A 124 -6.85 5.59 24.83
CA ARG A 124 -5.64 6.40 25.18
C ARG A 124 -6.01 7.42 26.27
N ASN A 125 -7.18 8.07 26.18
CA ASN A 125 -7.71 9.03 27.21
C ASN A 125 -7.97 8.32 28.55
N THR A 126 -8.09 6.98 28.62
CA THR A 126 -8.19 6.23 29.91
C THR A 126 -6.79 5.81 30.37
N ASN A 127 -5.72 6.23 29.67
CA ASN A 127 -4.36 5.73 29.93
CA ASN A 127 -4.34 5.73 29.87
C ASN A 127 -4.36 4.21 29.75
N PHE A 128 -5.09 3.71 28.75
CA PHE A 128 -5.21 2.25 28.49
C PHE A 128 -5.60 1.47 29.76
N ARG A 129 -6.50 1.98 30.60
CA ARG A 129 -7.06 1.24 31.77
C ARG A 129 -8.46 0.69 31.45
N GLY A 130 -9.05 1.14 30.35
CA GLY A 130 -10.30 0.63 29.78
C GLY A 130 -11.50 1.47 30.19
N VAL A 131 -12.62 1.33 29.48
CA VAL A 131 -13.87 2.06 29.84
C VAL A 131 -14.71 1.11 30.70
N SER A 132 -15.77 1.62 31.31
CA SER A 132 -16.63 0.85 32.22
C SER A 132 -17.30 -0.30 31.46
N LEU A 133 -17.79 -1.28 32.21
CA LEU A 133 -18.58 -2.39 31.65
C LEU A 133 -19.89 -1.82 31.08
N ASN A 134 -20.46 -0.82 31.72
CA ASN A 134 -21.71 -0.17 31.23
C ASN A 134 -21.46 0.47 29.84
N LEU A 135 -20.35 1.18 29.63
CA LEU A 135 -20.04 1.79 28.32
C LEU A 135 -19.67 0.69 27.31
N THR A 136 -18.93 -0.34 27.75
CA THR A 136 -18.63 -1.52 26.89
C THR A 136 -19.93 -2.15 26.38
N ARG A 137 -20.95 -2.29 27.24
CA ARG A 137 -22.23 -2.92 26.89
C ARG A 137 -22.89 -2.08 25.78
N LYS A 138 -22.87 -0.74 25.91
CA LYS A 138 -23.48 0.20 24.93
C LYS A 138 -22.81 0.03 23.57
N PHE A 139 -21.50 0.02 23.50
CA PHE A 139 -20.73 -0.17 22.23
C PHE A 139 -21.04 -1.57 21.66
N ALA A 140 -21.10 -2.60 22.52
CA ALA A 140 -21.44 -3.98 22.14
C ALA A 140 -22.82 -4.05 21.46
N GLN A 141 -23.84 -3.45 22.06
CA GLN A 141 -25.23 -3.51 21.55
C GLN A 141 -25.30 -2.86 20.16
N GLN A 142 -24.70 -1.70 20.03
CA GLN A 142 -24.70 -0.90 18.76
C GLN A 142 -23.96 -1.70 17.68
N MET A 143 -22.78 -2.24 17.99
CA MET A 143 -21.96 -3.02 17.00
C MET A 143 -22.71 -4.29 16.59
N CYS A 144 -23.40 -4.97 17.51
CA CYS A 144 -24.16 -6.18 17.14
C CYS A 144 -25.31 -5.81 16.21
N THR A 145 -25.98 -4.68 16.44
CA THR A 145 -27.07 -4.16 15.56
C THR A 145 -26.47 -3.80 14.21
N ALA A 146 -25.33 -3.09 14.15
CA ALA A 146 -24.67 -2.78 12.86
C ALA A 146 -24.38 -4.09 12.09
N LEU A 147 -23.86 -5.15 12.75
CA LEU A 147 -23.49 -6.44 12.06
C LEU A 147 -24.79 -7.10 11.58
N LEU A 148 -25.88 -6.98 12.35
CA LEU A 148 -27.18 -7.55 11.93
C LEU A 148 -27.59 -6.85 10.63
N PHE A 149 -27.44 -5.52 10.56
CA PHE A 149 -27.75 -4.71 9.35
C PHE A 149 -26.93 -5.26 8.16
N LEU A 150 -25.62 -5.48 8.32
CA LEU A 150 -24.74 -5.93 7.19
C LEU A 150 -25.15 -7.34 6.78
N ALA A 151 -25.74 -8.12 7.69
CA ALA A 151 -26.10 -9.52 7.42
C ALA A 151 -27.44 -9.59 6.71
N THR A 152 -28.17 -8.47 6.57
CA THR A 152 -29.37 -8.42 5.69
C THR A 152 -29.01 -9.13 4.38
N PRO A 153 -29.75 -10.18 3.92
CA PRO A 153 -29.40 -10.95 2.72
C PRO A 153 -29.04 -10.14 1.46
N GLU A 154 -29.79 -9.07 1.17
CA GLU A 154 -29.55 -8.21 -0.03
C GLU A 154 -28.24 -7.42 0.13
N LEU A 155 -27.67 -7.35 1.32
CA LEU A 155 -26.37 -6.67 1.55
C LEU A 155 -25.27 -7.75 1.67
N SER A 156 -25.34 -8.59 2.69
CA SER A 156 -24.35 -9.66 2.92
C SER A 156 -22.93 -9.07 2.86
N ILE A 157 -22.71 -7.93 3.53
CA ILE A 157 -21.39 -7.24 3.56
C ILE A 157 -20.51 -7.77 4.71
N ILE A 158 -19.29 -8.17 4.36
CA ILE A 158 -18.19 -8.43 5.32
C ILE A 158 -17.31 -7.17 5.36
N HIS A 159 -17.25 -6.51 6.52
CA HIS A 159 -16.42 -5.28 6.70
C HIS A 159 -14.96 -5.63 6.44
N CYS A 160 -14.46 -6.74 7.03
CA CYS A 160 -13.10 -7.29 6.87
C CYS A 160 -12.03 -6.39 7.46
N ASP A 161 -12.33 -5.38 8.28
CA ASP A 161 -11.25 -4.57 8.89
C ASP A 161 -11.75 -3.88 10.15
N LEU A 162 -12.59 -4.51 10.96
CA LEU A 162 -13.02 -3.90 12.23
C LEU A 162 -11.85 -3.86 13.21
N LYS A 163 -11.73 -2.73 13.90
CA LYS A 163 -10.69 -2.41 14.90
C LYS A 163 -11.19 -1.15 15.63
N PRO A 164 -10.65 -0.85 16.82
CA PRO A 164 -11.04 0.33 17.58
C PRO A 164 -10.91 1.58 16.72
N GLU A 165 -9.91 1.64 15.85
CA GLU A 165 -9.66 2.86 15.04
C GLU A 165 -10.78 3.05 14.01
N ASN A 166 -11.51 2.00 13.61
CA ASN A 166 -12.58 2.14 12.58
C ASN A 166 -14.00 2.24 13.22
N ILE A 167 -14.11 2.49 14.51
CA ILE A 167 -15.40 2.72 15.20
C ILE A 167 -15.30 4.09 15.86
N LEU A 168 -16.19 5.02 15.52
CA LEU A 168 -16.07 6.45 15.94
C LEU A 168 -17.28 6.84 16.76
N LEU A 169 -17.06 7.54 17.87
CA LEU A 169 -18.16 8.31 18.54
C LEU A 169 -18.76 9.32 17.54
N CYS A 170 -20.07 9.50 17.57
CA CYS A 170 -20.75 10.60 16.83
C CYS A 170 -20.45 11.96 17.51
N ASN A 171 -20.38 12.00 18.84
CA ASN A 171 -20.29 13.23 19.70
C ASN A 171 -19.36 12.90 20.85
N PRO A 172 -18.41 13.81 21.19
CA PRO A 172 -17.42 13.52 22.22
C PRO A 172 -17.99 13.27 23.62
N LYS A 173 -19.22 13.63 23.92
CA LYS A 173 -19.77 13.51 25.31
C LYS A 173 -20.84 12.40 25.39
N ARG A 174 -21.04 11.62 24.33
CA ARG A 174 -22.13 10.62 24.21
C ARG A 174 -21.58 9.27 23.69
N SER A 175 -22.38 8.22 23.83
CA SER A 175 -21.98 6.79 23.66
C SER A 175 -22.31 6.32 22.23
N ALA A 176 -23.07 7.12 21.46
CA ALA A 176 -23.51 6.71 20.10
C ALA A 176 -22.26 6.52 19.23
N ILE A 177 -22.22 5.47 18.41
CA ILE A 177 -21.04 5.13 17.57
C ILE A 177 -21.48 4.76 16.15
N LYS A 178 -20.52 4.84 15.24
CA LYS A 178 -20.68 4.46 13.81
C LYS A 178 -19.43 3.73 13.32
N ILE A 179 -19.63 2.82 12.39
CA ILE A 179 -18.52 2.11 11.72
C ILE A 179 -18.09 2.90 10.48
N VAL A 180 -16.79 3.00 10.27
CA VAL A 180 -16.18 3.63 9.05
C VAL A 180 -15.33 2.60 8.27
N ASP A 181 -15.02 2.99 7.03
CA ASP A 181 -13.99 2.38 6.14
C ASP A 181 -14.40 1.01 5.60
N PHE A 182 -15.11 1.01 4.47
CA PHE A 182 -15.51 -0.24 3.79
C PHE A 182 -14.60 -0.46 2.58
N GLY A 183 -13.40 0.13 2.63
CA GLY A 183 -12.37 0.02 1.59
C GLY A 183 -11.87 -1.41 1.39
N SER A 184 -11.75 -2.24 2.45
CA SER A 184 -11.33 -3.67 2.32
C SER A 184 -12.54 -4.61 2.18
N SER A 185 -13.76 -4.10 2.14
CA SER A 185 -15.00 -4.91 2.35
C SER A 185 -15.33 -5.74 1.09
N CYS A 186 -16.13 -6.79 1.26
CA CYS A 186 -16.64 -7.63 0.15
C CYS A 186 -18.03 -8.12 0.54
N GLN A 187 -18.63 -8.91 -0.34
CA GLN A 187 -19.93 -9.58 -0.09
C GLN A 187 -19.71 -11.10 0.00
N LEU A 188 -20.63 -11.76 0.69
CA LEU A 188 -20.61 -13.22 1.00
C LEU A 188 -20.24 -13.98 -0.28
N GLY A 189 -19.21 -14.82 -0.19
CA GLY A 189 -18.73 -15.67 -1.30
C GLY A 189 -17.56 -15.06 -2.06
N GLN A 190 -17.18 -13.80 -1.80
CA GLN A 190 -16.11 -13.16 -2.59
C GLN A 190 -14.78 -13.46 -1.90
N ARG A 191 -13.74 -13.66 -2.70
CA ARG A 191 -12.33 -13.68 -2.24
C ARG A 191 -11.55 -12.71 -3.14
N ILE A 192 -11.23 -11.51 -2.66
CA ILE A 192 -10.61 -10.41 -3.48
C ILE A 192 -9.15 -10.17 -3.11
N TYR A 193 -8.80 -10.08 -1.83
CA TYR A 193 -7.47 -9.59 -1.35
C TYR A 193 -6.74 -10.72 -0.65
N GLN A 194 -5.41 -10.73 -0.73
CA GLN A 194 -4.60 -11.87 -0.22
C GLN A 194 -4.66 -11.89 1.30
N PTR A 195 -4.51 -10.73 1.95
CA PTR A 195 -4.52 -10.69 3.40
C PTR A 195 -5.67 -9.75 3.77
O PTR A 195 -5.75 -8.64 3.23
CB PTR A 195 -3.16 -10.24 3.97
CG PTR A 195 -2.00 -11.18 3.70
CD1 PTR A 195 -1.13 -10.95 2.65
CD2 PTR A 195 -1.79 -12.28 4.50
CE1 PTR A 195 -0.07 -11.82 2.40
CE2 PTR A 195 -0.75 -13.15 4.27
CZ PTR A 195 0.09 -12.92 3.21
OH PTR A 195 1.15 -13.80 2.97
P PTR A 195 1.08 -15.37 3.19
O1P PTR A 195 0.36 -15.65 4.46
O2P PTR A 195 2.49 -15.83 3.25
O3P PTR A 195 0.35 -16.03 2.07
N ILE A 196 -6.59 -10.22 4.62
CA ILE A 196 -7.70 -9.43 5.12
C ILE A 196 -7.73 -9.52 6.65
N GLN A 197 -8.30 -8.47 7.26
CA GLN A 197 -8.44 -8.14 8.71
C GLN A 197 -7.11 -7.60 9.26
N SER A 198 -7.21 -6.68 10.20
CA SER A 198 -6.06 -6.23 11.03
C SER A 198 -5.56 -7.39 11.86
N ARG A 199 -4.24 -7.57 11.99
CA ARG A 199 -3.60 -8.74 12.64
C ARG A 199 -4.22 -9.06 14.01
N PHE A 200 -4.33 -8.11 14.94
CA PHE A 200 -4.85 -8.36 16.32
C PHE A 200 -6.29 -8.88 16.28
N TYR A 201 -7.07 -8.49 15.28
CA TYR A 201 -8.52 -8.75 15.14
C TYR A 201 -8.77 -9.81 14.06
N ARG A 202 -7.72 -10.49 13.62
CA ARG A 202 -7.77 -11.49 12.53
C ARG A 202 -8.31 -12.83 13.06
N SER A 203 -9.43 -13.25 12.49
CA SER A 203 -10.16 -14.49 12.81
C SER A 203 -9.27 -15.72 12.52
N PRO A 204 -9.42 -16.89 13.23
CA PRO A 204 -8.68 -18.13 12.93
C PRO A 204 -8.92 -18.76 11.54
N GLU A 205 -10.11 -18.66 10.98
CA GLU A 205 -10.37 -19.19 9.61
C GLU A 205 -9.49 -18.44 8.59
N VAL A 206 -9.26 -17.13 8.77
CA VAL A 206 -8.44 -16.31 7.84
C VAL A 206 -6.95 -16.68 8.03
N LEU A 207 -6.46 -16.81 9.27
CA LEU A 207 -5.07 -17.25 9.56
C LEU A 207 -4.86 -18.64 8.94
N LEU A 208 -5.87 -19.52 8.97
CA LEU A 208 -5.76 -20.92 8.51
C LEU A 208 -5.99 -21.06 6.99
N GLY A 209 -6.31 -19.98 6.28
CA GLY A 209 -6.57 -19.98 4.82
C GLY A 209 -7.86 -20.70 4.45
N MET A 210 -8.81 -20.76 5.38
CA MET A 210 -10.12 -21.39 5.17
C MET A 210 -11.10 -20.37 4.59
N PRO A 211 -12.23 -20.82 4.00
CA PRO A 211 -13.27 -19.93 3.53
C PRO A 211 -13.80 -19.04 4.68
N TYR A 212 -14.18 -17.83 4.36
CA TYR A 212 -14.60 -16.81 5.36
C TYR A 212 -15.95 -16.23 4.95
N ASP A 213 -16.72 -15.84 5.97
CA ASP A 213 -18.07 -15.30 5.78
C ASP A 213 -18.25 -14.18 6.83
N LEU A 214 -19.46 -13.69 6.98
CA LEU A 214 -19.72 -12.57 7.92
C LEU A 214 -19.23 -12.88 9.35
N ALA A 215 -19.06 -14.15 9.71
CA ALA A 215 -18.66 -14.52 11.08
C ALA A 215 -17.28 -13.93 11.42
N ILE A 216 -16.42 -13.63 10.45
CA ILE A 216 -15.06 -13.08 10.76
C ILE A 216 -15.25 -11.74 11.48
N ASP A 217 -16.33 -11.02 11.23
CA ASP A 217 -16.51 -9.66 11.79
C ASP A 217 -16.91 -9.80 13.28
N MET A 218 -17.63 -10.86 13.62
CA MET A 218 -18.04 -11.14 15.00
C MET A 218 -16.82 -11.58 15.83
N TRP A 219 -15.85 -12.29 15.23
CA TRP A 219 -14.56 -12.60 15.90
C TRP A 219 -13.89 -11.26 16.26
N SER A 220 -13.71 -10.37 15.28
CA SER A 220 -13.05 -9.05 15.47
C SER A 220 -13.78 -8.32 16.61
N LEU A 221 -15.10 -8.33 16.62
CA LEU A 221 -15.90 -7.57 17.64
C LEU A 221 -15.63 -8.17 19.03
N GLY A 222 -15.54 -9.47 19.12
CA GLY A 222 -15.21 -10.12 20.41
C GLY A 222 -13.88 -9.60 20.95
N CYS A 223 -12.87 -9.52 20.08
CA CYS A 223 -11.52 -9.04 20.45
C CYS A 223 -11.61 -7.58 20.91
N ILE A 224 -12.34 -6.77 20.14
CA ILE A 224 -12.47 -5.32 20.41
C ILE A 224 -13.11 -5.09 21.79
N LEU A 225 -14.19 -5.80 22.09
CA LEU A 225 -14.93 -5.54 23.37
C LEU A 225 -14.07 -5.89 24.60
N VAL A 226 -13.26 -6.93 24.55
CA VAL A 226 -12.37 -7.26 25.70
C VAL A 226 -11.36 -6.10 25.88
N GLU A 227 -10.83 -5.59 24.77
CA GLU A 227 -9.81 -4.51 24.78
C GLU A 227 -10.45 -3.23 25.33
N MET A 228 -11.67 -2.92 24.91
CA MET A 228 -12.33 -1.67 25.35
C MET A 228 -12.45 -1.68 26.89
N HIS A 229 -12.67 -2.84 27.53
CA HIS A 229 -12.82 -2.91 29.00
C HIS A 229 -11.46 -3.07 29.71
N THR A 230 -10.49 -3.79 29.11
CA THR A 230 -9.16 -4.05 29.79
C THR A 230 -8.17 -2.94 29.54
N GLY A 231 -8.35 -2.21 28.44
CA GLY A 231 -7.41 -1.20 27.96
C GLY A 231 -6.36 -1.73 26.99
N GLU A 232 -6.18 -3.06 26.89
CA GLU A 232 -5.08 -3.73 26.13
C GLU A 232 -5.64 -4.71 25.09
N PRO A 233 -4.99 -4.89 23.93
CA PRO A 233 -5.45 -5.89 22.95
C PRO A 233 -5.46 -7.29 23.59
N LEU A 234 -6.44 -8.10 23.25
CA LEU A 234 -6.56 -9.47 23.80
C LEU A 234 -5.45 -10.34 23.21
N PHE A 235 -5.23 -10.18 21.90
CA PHE A 235 -4.31 -11.04 21.10
C PHE A 235 -3.38 -10.15 20.29
N SER A 236 -2.22 -9.75 20.85
CA SER A 236 -1.37 -8.72 20.21
C SER A 236 -0.22 -9.38 19.43
N GLY A 237 -0.50 -10.15 18.39
CA GLY A 237 0.57 -10.87 17.65
C GLY A 237 1.51 -9.92 16.88
N ALA A 238 2.81 -10.19 16.91
CA ALA A 238 3.84 -9.44 16.14
C ALA A 238 3.81 -9.88 14.67
N ASN A 239 3.23 -11.06 14.41
CA ASN A 239 3.15 -11.72 13.08
C ASN A 239 2.11 -12.83 13.17
N GLU A 240 1.81 -13.49 12.05
CA GLU A 240 0.69 -14.46 12.00
C GLU A 240 0.96 -15.66 12.92
N VAL A 241 2.19 -16.16 13.01
CA VAL A 241 2.48 -17.32 13.89
C VAL A 241 2.24 -16.87 15.35
N ASP A 242 2.80 -15.76 15.76
CA ASP A 242 2.61 -15.19 17.13
C ASP A 242 1.09 -14.96 17.35
N GLN A 243 0.37 -14.45 16.36
CA GLN A 243 -1.08 -14.15 16.52
C GLN A 243 -1.74 -15.47 16.92
N MET A 244 -1.52 -16.53 16.12
CA MET A 244 -2.23 -17.82 16.33
C MET A 244 -1.83 -18.34 17.72
N ASN A 245 -0.55 -18.26 18.06
CA ASN A 245 -0.04 -18.77 19.38
C ASN A 245 -0.74 -18.01 20.53
N LYS A 246 -1.00 -16.71 20.41
CA LYS A 246 -1.63 -15.95 21.54
C LYS A 246 -3.12 -16.33 21.65
N ILE A 247 -3.72 -16.68 20.51
CA ILE A 247 -5.13 -17.15 20.48
C ILE A 247 -5.15 -18.48 21.22
N VAL A 248 -4.19 -19.36 20.92
CA VAL A 248 -4.12 -20.71 21.53
C VAL A 248 -3.91 -20.58 23.04
N GLU A 249 -3.10 -19.64 23.53
CA GLU A 249 -2.90 -19.43 25.00
C GLU A 249 -4.26 -19.33 25.72
N VAL A 250 -5.25 -18.70 25.10
CA VAL A 250 -6.55 -18.35 25.77
C VAL A 250 -7.57 -19.43 25.44
N LEU A 251 -7.56 -19.92 24.19
CA LEU A 251 -8.68 -20.74 23.67
C LEU A 251 -8.28 -22.19 23.45
N GLY A 252 -7.00 -22.57 23.63
CA GLY A 252 -6.55 -23.96 23.42
C GLY A 252 -6.39 -24.32 21.93
N ILE A 253 -6.12 -25.61 21.63
CA ILE A 253 -5.82 -26.10 20.25
C ILE A 253 -7.15 -26.08 19.52
N PRO A 254 -7.24 -25.51 18.31
CA PRO A 254 -8.50 -25.55 17.57
C PRO A 254 -8.99 -26.99 17.40
N PRO A 255 -10.29 -27.21 17.12
CA PRO A 255 -10.82 -28.54 16.87
C PRO A 255 -10.14 -29.21 15.67
N ALA A 256 -9.89 -30.51 15.78
CA ALA A 256 -9.38 -31.38 14.69
C ALA A 256 -10.24 -31.22 13.43
N HIS A 257 -11.57 -31.14 13.54
CA HIS A 257 -12.47 -31.15 12.35
C HIS A 257 -12.20 -29.89 11.52
N ILE A 258 -11.77 -28.81 12.17
CA ILE A 258 -11.32 -27.56 11.48
C ILE A 258 -9.89 -27.76 10.91
N LEU A 259 -8.93 -28.10 11.75
CA LEU A 259 -7.51 -28.21 11.34
C LEU A 259 -7.35 -29.23 10.19
N ASP A 260 -8.11 -30.33 10.19
CA ASP A 260 -8.02 -31.39 9.14
C ASP A 260 -8.41 -30.80 7.77
N GLN A 261 -9.14 -29.68 7.71
CA GLN A 261 -9.60 -29.07 6.43
C GLN A 261 -8.87 -27.78 6.12
N ALA A 262 -7.92 -27.36 6.96
CA ALA A 262 -7.28 -26.03 6.84
C ALA A 262 -6.06 -26.12 5.94
N PRO A 263 -6.04 -25.41 4.78
CA PRO A 263 -4.85 -25.36 3.94
C PRO A 263 -3.57 -24.96 4.68
N LYS A 264 -3.63 -24.02 5.63
CA LYS A 264 -2.42 -23.51 6.35
C LYS A 264 -2.34 -24.08 7.78
N ALA A 265 -2.98 -25.21 8.09
CA ALA A 265 -2.82 -25.87 9.43
C ALA A 265 -1.32 -26.02 9.78
N ARG A 266 -0.46 -26.41 8.83
CA ARG A 266 0.96 -26.77 9.15
C ARG A 266 1.86 -25.54 9.30
N LYS A 267 1.32 -24.36 9.00
CA LYS A 267 2.01 -23.10 9.38
C LYS A 267 2.11 -22.96 10.91
N PHE A 268 1.20 -23.52 11.69
CA PHE A 268 1.10 -23.27 13.15
C PHE A 268 1.11 -24.55 13.96
N PHE A 269 0.60 -25.66 13.39
CA PHE A 269 0.30 -26.92 14.13
C PHE A 269 0.95 -28.12 13.44
N GLU A 270 1.05 -29.26 14.14
CA GLU A 270 1.48 -30.57 13.56
C GLU A 270 0.54 -31.70 14.01
N LYS A 271 0.21 -32.58 13.06
CA LYS A 271 -0.68 -33.75 13.22
C LYS A 271 0.19 -34.90 13.74
N LEU A 272 -0.11 -35.43 14.93
CA LEU A 272 0.71 -36.51 15.55
C LEU A 272 0.23 -37.85 14.98
N PRO A 273 1.01 -38.94 15.16
CA PRO A 273 0.61 -40.27 14.68
C PRO A 273 -0.81 -40.72 15.01
N ASP A 274 -1.34 -40.38 16.20
CA ASP A 274 -2.73 -40.78 16.60
C ASP A 274 -3.80 -39.89 15.99
N GLY A 275 -3.43 -38.87 15.21
CA GLY A 275 -4.41 -38.03 14.48
C GLY A 275 -4.76 -36.76 15.25
N THR A 276 -4.22 -36.59 16.46
CA THR A 276 -4.43 -35.38 17.29
C THR A 276 -3.45 -34.28 16.87
N TRP A 277 -3.81 -33.01 17.10
CA TRP A 277 -2.97 -31.86 16.70
C TRP A 277 -2.31 -31.24 17.91
N ASN A 278 -1.05 -30.84 17.80
CA ASN A 278 -0.32 -29.99 18.79
C ASN A 278 0.22 -28.76 18.09
N LEU A 279 0.83 -27.88 18.87
CA LEU A 279 1.55 -26.70 18.37
C LEU A 279 2.79 -27.14 17.62
N LYS A 280 3.10 -26.48 16.51
CA LYS A 280 4.37 -26.65 15.78
C LYS A 280 5.53 -26.20 16.68
N LYS A 281 6.61 -26.99 16.69
CA LYS A 281 7.89 -26.70 17.40
C LYS A 281 8.39 -25.32 16.91
N THR A 282 8.96 -24.51 17.80
CA THR A 282 9.65 -23.25 17.41
C THR A 282 11.04 -23.54 16.84
N LYS A 283 11.61 -22.58 16.09
CA LYS A 283 13.00 -22.67 15.57
C LYS A 283 13.97 -22.76 16.76
N ASP A 284 13.71 -21.97 17.81
CA ASP A 284 14.44 -21.91 19.11
C ASP A 284 15.59 -20.93 18.94
N GLU A 288 7.94 -20.82 25.23
CA GLU A 288 7.86 -19.34 25.45
C GLU A 288 6.41 -18.86 25.71
N TYR A 289 5.39 -19.56 25.23
CA TYR A 289 3.95 -19.27 25.45
C TYR A 289 3.45 -20.02 26.69
N LYS A 290 2.40 -19.49 27.30
CA LYS A 290 1.66 -20.24 28.34
C LYS A 290 1.07 -21.47 27.66
N PRO A 291 0.94 -22.60 28.37
CA PRO A 291 0.39 -23.80 27.76
C PRO A 291 -0.98 -23.54 27.16
N PRO A 292 -1.39 -24.33 26.14
CA PRO A 292 -2.68 -24.09 25.49
C PRO A 292 -3.87 -24.01 26.46
N GLY A 293 -4.72 -22.98 26.32
CA GLY A 293 -5.97 -22.84 27.08
C GLY A 293 -5.78 -22.41 28.53
N THR A 294 -4.57 -22.09 28.98
CA THR A 294 -4.27 -21.82 30.43
C THR A 294 -4.34 -20.33 30.73
N ARG A 295 -4.36 -19.44 29.74
CA ARG A 295 -4.58 -17.98 29.93
C ARG A 295 -6.09 -17.75 29.86
N LYS A 296 -6.79 -17.99 30.96
CA LYS A 296 -8.25 -18.03 30.98
C LYS A 296 -8.82 -16.62 30.82
N LEU A 297 -9.85 -16.44 29.99
CA LEU A 297 -10.50 -15.14 29.80
C LEU A 297 -11.15 -14.71 31.12
N HIS A 298 -11.53 -15.64 31.99
CA HIS A 298 -12.18 -15.38 33.32
CA HIS A 298 -12.22 -15.28 33.26
C HIS A 298 -11.24 -14.54 34.19
N ASN A 299 -9.93 -14.77 34.04
CA ASN A 299 -8.85 -14.09 34.80
C ASN A 299 -8.39 -12.82 34.08
N ILE A 300 -8.40 -12.82 32.76
CA ILE A 300 -8.10 -11.59 31.96
C ILE A 300 -9.12 -10.50 32.35
N LEU A 301 -10.39 -10.87 32.44
CA LEU A 301 -11.48 -9.91 32.74
C LEU A 301 -11.58 -9.68 34.25
N GLY A 302 -11.02 -10.58 35.08
CA GLY A 302 -11.08 -10.49 36.56
C GLY A 302 -12.50 -10.65 37.07
N VAL A 303 -13.22 -11.65 36.59
CA VAL A 303 -14.67 -11.90 36.86
C VAL A 303 -14.94 -11.92 38.37
N GLU A 304 -14.13 -12.66 39.14
CA GLU A 304 -14.30 -12.81 40.61
C GLU A 304 -13.36 -11.87 41.39
N THR A 305 -12.55 -11.04 40.74
CA THR A 305 -11.40 -10.39 41.45
C THR A 305 -11.39 -8.88 41.17
N GLY A 306 -12.55 -8.27 40.96
CA GLY A 306 -12.70 -6.82 40.87
C GLY A 306 -12.37 -6.26 39.50
N GLY A 307 -12.54 -7.09 38.46
CA GLY A 307 -12.40 -6.70 37.05
C GLY A 307 -10.94 -6.51 36.72
N PRO A 308 -10.63 -5.89 35.56
CA PRO A 308 -9.25 -5.75 35.14
C PRO A 308 -8.38 -5.04 36.19
N GLY A 309 -7.34 -5.75 36.66
CA GLY A 309 -6.35 -5.29 37.65
C GLY A 309 -6.96 -5.02 39.01
N GLY A 310 -8.20 -5.52 39.24
CA GLY A 310 -8.97 -5.30 40.46
C GLY A 310 -9.55 -3.90 40.53
N ARG A 311 -9.43 -3.10 39.46
CA ARG A 311 -9.67 -1.62 39.53
C ARG A 311 -11.18 -1.29 39.59
N ARG A 312 -12.07 -2.26 39.39
CA ARG A 312 -13.54 -2.06 39.34
C ARG A 312 -14.21 -2.52 40.63
N ALA A 313 -13.47 -3.04 41.61
CA ALA A 313 -14.03 -3.46 42.91
C ALA A 313 -14.51 -2.18 43.63
N GLY A 314 -15.59 -2.20 44.38
CA GLY A 314 -16.08 -0.95 45.01
C GLY A 314 -16.52 0.15 44.02
N GLU A 315 -16.80 -0.20 42.74
CA GLU A 315 -17.67 0.56 41.79
C GLU A 315 -18.93 -0.26 41.54
N SER A 316 -20.06 0.36 41.20
CA SER A 316 -21.30 -0.34 40.77
C SER A 316 -21.23 -0.71 39.30
N GLY A 317 -22.19 -1.49 38.80
CA GLY A 317 -22.25 -1.90 37.39
C GLY A 317 -21.15 -2.90 37.04
N HIS A 318 -20.50 -3.53 38.03
CA HIS A 318 -19.34 -4.45 37.84
C HIS A 318 -19.45 -5.67 38.77
N THR A 319 -20.62 -6.27 38.86
CA THR A 319 -20.87 -7.42 39.77
C THR A 319 -20.31 -8.69 39.09
N VAL A 320 -20.08 -9.72 39.91
CA VAL A 320 -19.70 -11.06 39.39
C VAL A 320 -20.75 -11.49 38.35
N ALA A 321 -22.03 -11.29 38.60
CA ALA A 321 -23.12 -11.68 37.68
C ALA A 321 -22.98 -10.97 36.33
N ASP A 322 -22.69 -9.67 36.37
CA ASP A 322 -22.44 -8.82 35.17
C ASP A 322 -21.24 -9.38 34.38
N TYR A 323 -20.13 -9.68 35.05
CA TYR A 323 -18.90 -10.16 34.38
C TYR A 323 -19.14 -11.54 33.78
N LEU A 324 -19.81 -12.45 34.48
CA LEU A 324 -20.09 -13.80 33.90
C LEU A 324 -20.91 -13.67 32.60
N LYS A 325 -21.97 -12.85 32.61
CA LYS A 325 -22.74 -12.61 31.35
C LYS A 325 -21.80 -12.06 30.26
N PHE A 326 -20.88 -11.16 30.58
CA PHE A 326 -19.93 -10.56 29.60
C PHE A 326 -19.00 -11.63 29.08
N LYS A 327 -18.39 -12.41 29.99
CA LYS A 327 -17.46 -13.47 29.59
C LYS A 327 -18.19 -14.47 28.68
N ASP A 328 -19.35 -14.95 29.06
CA ASP A 328 -20.10 -15.96 28.26
C ASP A 328 -20.36 -15.40 26.84
N LEU A 329 -20.83 -14.16 26.69
CA LEU A 329 -21.08 -13.60 25.32
C LEU A 329 -19.78 -13.57 24.51
N ILE A 330 -18.68 -13.07 25.08
CA ILE A 330 -17.37 -12.97 24.37
C ILE A 330 -16.93 -14.37 23.91
N LEU A 331 -17.02 -15.40 24.77
CA LEU A 331 -16.51 -16.75 24.41
C LEU A 331 -17.38 -17.31 23.27
N ARG A 332 -18.65 -16.94 23.18
CA ARG A 332 -19.49 -17.33 22.01
C ARG A 332 -19.06 -16.52 20.75
N MET A 333 -18.57 -15.30 20.93
CA MET A 333 -18.05 -14.48 19.80
C MET A 333 -16.69 -15.03 19.36
N LEU A 334 -15.96 -15.73 20.25
CA LEU A 334 -14.60 -16.24 19.93
C LEU A 334 -14.63 -17.77 19.72
N ASP A 335 -15.79 -18.35 19.39
CA ASP A 335 -15.93 -19.76 18.96
C ASP A 335 -14.98 -19.98 17.76
N TYR A 336 -14.12 -20.97 17.84
CA TYR A 336 -13.24 -21.41 16.71
C TYR A 336 -14.06 -21.78 15.48
N ASP A 337 -15.26 -22.33 15.64
CA ASP A 337 -16.05 -22.81 14.50
C ASP A 337 -16.94 -21.68 13.95
N PRO A 338 -16.69 -21.17 12.71
CA PRO A 338 -17.49 -20.09 12.15
C PRO A 338 -18.96 -20.43 11.96
N LYS A 339 -19.29 -21.72 11.87
CA LYS A 339 -20.70 -22.15 11.71
C LYS A 339 -21.43 -22.09 13.04
N THR A 340 -20.75 -22.19 14.20
CA THR A 340 -21.46 -22.19 15.52
C THR A 340 -21.22 -20.89 16.30
N ARG A 341 -20.26 -20.05 15.91
CA ARG A 341 -20.01 -18.70 16.50
C ARG A 341 -21.33 -17.95 16.53
N ILE A 342 -21.57 -17.24 17.62
CA ILE A 342 -22.86 -16.49 17.79
C ILE A 342 -23.00 -15.48 16.65
N GLN A 343 -24.19 -15.41 16.09
CA GLN A 343 -24.59 -14.51 14.99
C GLN A 343 -25.22 -13.27 15.60
N PRO A 344 -25.16 -12.10 14.93
CA PRO A 344 -25.68 -10.83 15.47
C PRO A 344 -27.11 -10.95 16.00
N TYR A 345 -27.97 -11.69 15.29
CA TYR A 345 -29.39 -11.84 15.61
C TYR A 345 -29.53 -12.43 17.02
N TYR A 346 -28.73 -13.43 17.35
CA TYR A 346 -28.76 -14.13 18.66
C TYR A 346 -27.93 -13.39 19.72
N ALA A 347 -26.84 -12.72 19.32
CA ALA A 347 -26.03 -11.98 20.28
C ALA A 347 -26.91 -10.90 20.92
N LEU A 348 -27.82 -10.26 20.16
CA LEU A 348 -28.66 -9.14 20.69
C LEU A 348 -29.63 -9.67 21.76
N GLN A 349 -29.96 -10.95 21.77
CA GLN A 349 -30.89 -11.61 22.71
C GLN A 349 -30.13 -12.09 23.94
N HIS A 350 -28.83 -11.85 24.06
CA HIS A 350 -28.05 -12.40 25.19
C HIS A 350 -28.44 -11.65 26.47
N SER A 351 -28.34 -12.31 27.62
CA SER A 351 -28.70 -11.78 28.97
C SER A 351 -27.78 -10.60 29.34
N PHE A 352 -26.58 -10.49 28.76
CA PHE A 352 -25.72 -9.27 28.86
C PHE A 352 -26.50 -7.99 28.48
N PHE A 353 -27.43 -8.09 27.53
CA PHE A 353 -28.22 -6.91 27.07
C PHE A 353 -29.60 -6.81 27.77
N ALA A 354 -29.94 -7.70 28.70
CA ALA A 354 -31.33 -7.84 29.23
C ALA A 354 -31.75 -6.58 29.99
N PRO B 16 2.62 -1.09 19.94
CA PRO B 16 2.77 -0.56 18.56
C PRO B 16 1.49 -0.71 17.70
N ARG B 17 0.84 0.41 17.32
CA ARG B 17 -0.44 0.37 16.56
C ARG B 17 -0.11 0.43 15.08
N GLY B 18 0.80 1.31 14.72
CA GLY B 18 1.15 1.55 13.32
C GLY B 18 1.68 0.28 12.62
N SEP B 19 1.58 0.28 11.30
CA SEP B 19 2.38 -0.61 10.50
CB SEP B 19 1.72 -0.89 9.16
OG SEP B 19 1.43 0.36 8.51
C SEP B 19 3.79 -0.01 10.38
O SEP B 19 4.70 -0.74 10.04
P SEP B 19 -0.06 0.61 7.95
O1P SEP B 19 -1.02 0.30 9.08
O2P SEP B 19 -0.11 2.08 7.59
O3P SEP B 19 -0.24 -0.28 6.74
N HIS B 20 3.95 1.29 10.65
CA HIS B 20 5.22 1.99 10.54
C HIS B 20 5.98 2.03 11.86
N MET B 21 7.31 1.89 11.78
CA MET B 21 8.23 2.04 12.92
C MET B 21 8.26 3.51 13.37
N ILE B 22 8.23 3.75 14.67
CA ILE B 22 8.39 5.13 15.22
C ILE B 22 9.90 5.38 15.31
N VAL B 23 10.39 6.36 14.61
CA VAL B 23 11.86 6.61 14.53
C VAL B 23 12.14 8.00 15.11
N LYS B 24 13.03 8.08 16.09
CA LYS B 24 13.40 9.35 16.78
C LYS B 24 14.81 9.74 16.36
N ASN B 25 14.97 10.93 15.77
CA ASN B 25 16.30 11.52 15.46
C ASN B 25 17.12 11.54 16.74
N GLY B 26 18.37 11.09 16.65
CA GLY B 26 19.31 11.04 17.79
C GLY B 26 19.29 9.74 18.55
N GLU B 27 18.37 8.80 18.24
CA GLU B 27 18.34 7.47 18.91
C GLU B 27 19.43 6.57 18.28
N LYS B 28 19.85 5.57 19.03
CA LYS B 28 20.96 4.69 18.65
C LYS B 28 20.45 3.24 18.67
N TRP B 29 20.51 2.52 17.54
CA TRP B 29 19.97 1.14 17.41
C TRP B 29 21.08 0.13 17.69
N MET B 30 20.85 -0.87 18.55
CA MET B 30 21.79 -2.02 18.75
C MET B 30 23.21 -1.51 19.05
N ASP B 31 23.34 -0.41 19.81
CA ASP B 31 24.62 0.30 20.09
C ASP B 31 25.45 0.47 18.81
N ARG B 32 24.86 0.78 17.67
CA ARG B 32 25.62 0.77 16.39
C ARG B 32 25.22 1.98 15.52
N TYR B 33 23.92 2.13 15.27
CA TYR B 33 23.38 3.02 14.22
C TYR B 33 22.77 4.24 14.89
N GLU B 34 23.42 5.38 14.69
CA GLU B 34 22.99 6.69 15.24
C GLU B 34 22.06 7.32 14.22
N ILE B 35 20.76 7.32 14.46
CA ILE B 35 19.77 7.88 13.49
C ILE B 35 19.97 9.40 13.43
N ASP B 36 20.17 9.93 12.23
CA ASP B 36 20.37 11.37 11.94
C ASP B 36 19.05 12.05 11.55
N SER B 37 18.37 11.56 10.52
CA SER B 37 17.23 12.27 9.87
C SER B 37 16.48 11.30 8.94
N LEU B 38 15.27 11.70 8.56
CA LEU B 38 14.44 10.99 7.55
C LEU B 38 14.91 11.40 6.17
N ILE B 39 15.28 10.45 5.31
CA ILE B 39 15.60 10.74 3.89
C ILE B 39 14.27 10.75 3.13
N GLY B 40 13.32 9.87 3.46
CA GLY B 40 12.09 9.74 2.68
C GLY B 40 11.14 8.66 3.18
N LYS B 41 9.91 8.72 2.70
CA LYS B 41 8.81 7.77 3.01
C LYS B 41 8.25 7.28 1.68
N GLY B 42 7.71 6.07 1.69
CA GLY B 42 7.06 5.44 0.54
C GLY B 42 5.97 4.52 1.03
N SER B 43 5.29 3.84 0.12
CA SER B 43 4.27 2.81 0.42
C SER B 43 4.92 1.65 1.20
N PHE B 44 6.21 1.34 0.95
CA PHE B 44 6.95 0.21 1.60
C PHE B 44 7.29 0.49 3.08
N GLY B 45 7.33 1.75 3.51
CA GLY B 45 7.85 2.14 4.84
C GLY B 45 8.67 3.41 4.73
N GLN B 46 9.88 3.44 5.27
CA GLN B 46 10.68 4.69 5.20
C GLN B 46 12.18 4.43 5.01
N VAL B 47 12.93 5.49 4.72
CA VAL B 47 14.41 5.48 4.57
C VAL B 47 14.98 6.57 5.48
N VAL B 48 15.91 6.21 6.35
CA VAL B 48 16.56 7.16 7.31
C VAL B 48 18.07 7.21 7.06
N LYS B 49 18.68 8.35 7.33
CA LYS B 49 20.14 8.51 7.34
C LYS B 49 20.64 8.14 8.73
N ALA B 50 21.61 7.25 8.82
CA ALA B 50 22.19 6.81 10.10
C ALA B 50 23.72 6.71 9.98
N TYR B 51 24.43 6.94 11.09
CA TYR B 51 25.90 6.71 11.17
C TYR B 51 26.15 5.33 11.79
N ASP B 52 26.78 4.46 11.01
CA ASP B 52 27.29 3.14 11.44
C ASP B 52 28.66 3.36 12.11
N ARG B 53 28.72 3.24 13.44
CA ARG B 53 29.97 3.41 14.23
C ARG B 53 30.96 2.28 13.94
N VAL B 54 30.49 1.05 13.66
CA VAL B 54 31.38 -0.11 13.35
C VAL B 54 32.16 0.20 12.07
N GLU B 55 31.50 0.56 10.97
CA GLU B 55 32.18 0.75 9.67
C GLU B 55 32.68 2.20 9.55
N GLN B 56 32.34 3.03 10.53
CA GLN B 56 32.64 4.50 10.52
C GLN B 56 32.21 5.09 9.16
N GLU B 57 30.92 5.01 8.85
CA GLU B 57 30.40 5.62 7.59
C GLU B 57 28.91 5.90 7.78
N TRP B 58 28.42 6.93 7.09
CA TRP B 58 26.96 7.14 6.83
C TRP B 58 26.42 5.93 6.04
N VAL B 59 25.18 5.59 6.34
CA VAL B 59 24.42 4.54 5.60
C VAL B 59 23.00 5.04 5.47
N ALA B 60 22.26 4.48 4.50
CA ALA B 60 20.80 4.69 4.32
C ALA B 60 20.11 3.40 4.73
N ILE B 61 19.26 3.48 5.74
CA ILE B 61 18.49 2.30 6.26
C ILE B 61 17.06 2.34 5.73
N LYS B 62 16.69 1.38 4.88
CA LYS B 62 15.32 1.20 4.36
C LYS B 62 14.57 0.29 5.36
N ILE B 63 13.58 0.84 6.05
CA ILE B 63 12.75 0.13 7.06
C ILE B 63 11.44 -0.28 6.39
N ILE B 64 11.18 -1.58 6.37
CA ILE B 64 9.93 -2.12 5.75
C ILE B 64 8.84 -2.10 6.82
N LYS B 65 7.64 -1.63 6.48
CA LYS B 65 6.49 -1.61 7.43
C LYS B 65 6.10 -3.05 7.81
N ASN B 66 5.59 -3.20 9.04
CA ASN B 66 5.21 -4.51 9.61
C ASN B 66 3.85 -4.95 9.02
N LYS B 67 3.83 -5.33 7.75
CA LYS B 67 2.66 -5.88 7.01
C LYS B 67 3.15 -7.04 6.17
N LYS B 68 2.47 -8.19 6.20
CA LYS B 68 2.99 -9.44 5.60
C LYS B 68 3.31 -9.24 4.10
N ALA B 69 2.42 -8.62 3.31
CA ALA B 69 2.63 -8.44 1.86
C ALA B 69 3.92 -7.66 1.58
N PHE B 70 4.16 -6.57 2.32
CA PHE B 70 5.37 -5.73 2.15
C PHE B 70 6.62 -6.50 2.58
N LEU B 71 6.57 -7.17 3.73
CA LEU B 71 7.71 -7.98 4.19
C LEU B 71 8.00 -9.06 3.14
N ASN B 72 6.99 -9.78 2.64
CA ASN B 72 7.17 -10.87 1.63
C ASN B 72 7.88 -10.30 0.39
N GLN B 73 7.49 -9.13 -0.11
CA GLN B 73 8.11 -8.53 -1.32
C GLN B 73 9.54 -8.06 -1.00
N ALA B 74 9.76 -7.56 0.21
CA ALA B 74 11.12 -7.12 0.61
C ALA B 74 12.07 -8.32 0.73
N GLN B 75 11.58 -9.52 1.02
CA GLN B 75 12.45 -10.73 1.00
C GLN B 75 12.88 -11.00 -0.45
N ILE B 76 12.01 -10.76 -1.44
CA ILE B 76 12.41 -10.90 -2.86
C ILE B 76 13.51 -9.89 -3.16
N GLU B 77 13.37 -8.65 -2.67
CA GLU B 77 14.35 -7.55 -2.91
C GLU B 77 15.70 -7.97 -2.33
N VAL B 78 15.73 -8.42 -1.07
CA VAL B 78 17.01 -8.85 -0.43
C VAL B 78 17.65 -9.94 -1.31
N ARG B 79 16.85 -10.93 -1.76
CA ARG B 79 17.34 -12.08 -2.59
C ARG B 79 18.02 -11.55 -3.84
N LEU B 80 17.34 -10.65 -4.55
CA LEU B 80 17.81 -10.12 -5.84
C LEU B 80 19.06 -9.27 -5.59
N LEU B 81 19.06 -8.43 -4.54
CA LEU B 81 20.25 -7.59 -4.24
C LEU B 81 21.42 -8.51 -3.86
N GLU B 82 21.23 -9.54 -3.04
CA GLU B 82 22.36 -10.45 -2.65
C GLU B 82 22.85 -11.22 -3.89
N LEU B 83 21.94 -11.59 -4.78
CA LEU B 83 22.32 -12.29 -6.02
C LEU B 83 23.16 -11.34 -6.88
N MET B 84 22.80 -10.07 -6.98
CA MET B 84 23.60 -9.10 -7.80
C MET B 84 25.00 -8.89 -7.20
N ASN B 85 25.11 -8.81 -5.87
CA ASN B 85 26.38 -8.55 -5.12
C ASN B 85 27.38 -9.68 -5.41
N LYS B 86 26.89 -10.92 -5.58
CA LYS B 86 27.69 -12.13 -5.86
C LYS B 86 28.32 -12.08 -7.26
N HIS B 87 27.78 -11.26 -8.15
CA HIS B 87 28.31 -11.06 -9.53
C HIS B 87 28.94 -9.68 -9.67
N ASP B 88 29.01 -8.86 -8.61
CA ASP B 88 29.46 -7.44 -8.70
C ASP B 88 30.23 -7.07 -7.43
N THR B 89 31.23 -7.87 -7.05
CA THR B 89 32.04 -7.68 -5.80
C THR B 89 32.89 -6.39 -5.91
N GLU B 90 33.18 -5.92 -7.14
CA GLU B 90 33.96 -4.69 -7.40
C GLU B 90 33.02 -3.48 -7.41
N MET B 91 31.71 -3.66 -7.31
CA MET B 91 30.67 -2.61 -7.40
C MET B 91 30.87 -1.80 -8.68
N LYS B 92 31.07 -2.49 -9.80
CA LYS B 92 31.43 -1.92 -11.14
C LYS B 92 30.18 -1.56 -11.97
N TYR B 93 28.96 -2.04 -11.62
CA TYR B 93 27.82 -2.07 -12.60
C TYR B 93 26.64 -1.18 -12.18
N TYR B 94 26.89 -0.13 -11.40
CA TYR B 94 25.93 0.98 -11.19
C TYR B 94 24.66 0.52 -10.46
N ILE B 95 24.76 -0.46 -9.57
CA ILE B 95 23.66 -0.96 -8.70
C ILE B 95 24.02 -0.63 -7.26
N VAL B 96 23.05 -0.07 -6.51
CA VAL B 96 23.21 0.22 -5.05
C VAL B 96 23.67 -1.06 -4.34
N HIS B 97 24.64 -0.94 -3.43
CA HIS B 97 25.14 -2.09 -2.63
C HIS B 97 24.32 -2.27 -1.35
N LEU B 98 23.77 -3.46 -1.13
CA LEU B 98 23.11 -3.82 0.14
C LEU B 98 24.22 -4.31 1.08
N LYS B 99 24.48 -3.58 2.16
CA LYS B 99 25.56 -3.89 3.14
C LYS B 99 25.11 -5.07 3.99
N ARG B 100 23.90 -5.02 4.54
CA ARG B 100 23.33 -6.12 5.36
C ARG B 100 21.83 -5.83 5.59
N HIS B 101 21.14 -6.80 6.16
CA HIS B 101 19.75 -6.64 6.63
C HIS B 101 19.61 -7.28 8.00
N PHE B 102 18.60 -6.86 8.75
CA PHE B 102 18.28 -7.44 10.06
C PHE B 102 16.84 -7.06 10.44
N MET B 103 16.31 -7.81 11.39
CA MET B 103 15.01 -7.53 12.03
C MET B 103 15.29 -6.68 13.28
N PHE B 104 14.49 -5.66 13.48
CA PHE B 104 14.60 -4.70 14.60
C PHE B 104 13.21 -4.13 14.89
N ARG B 105 12.70 -4.33 16.10
CA ARG B 105 11.36 -3.87 16.56
C ARG B 105 10.27 -4.43 15.62
N ASN B 106 10.45 -5.66 15.14
CA ASN B 106 9.54 -6.42 14.24
C ASN B 106 9.48 -5.82 12.82
N HIS B 107 10.50 -5.07 12.39
CA HIS B 107 10.60 -4.50 11.02
C HIS B 107 11.84 -5.06 10.32
N LEU B 108 11.72 -5.58 9.10
CA LEU B 108 12.92 -5.88 8.28
C LEU B 108 13.60 -4.54 7.91
N CYS B 109 14.90 -4.42 8.14
CA CYS B 109 15.73 -3.23 7.83
C CYS B 109 16.83 -3.58 6.82
N LEU B 110 16.90 -2.87 5.68
CA LEU B 110 17.98 -3.07 4.67
C LEU B 110 18.97 -1.89 4.79
N VAL B 111 20.24 -2.20 5.06
CA VAL B 111 21.31 -1.16 5.21
C VAL B 111 22.03 -1.03 3.87
N PHE B 112 21.94 0.16 3.30
CA PHE B 112 22.56 0.52 2.00
C PHE B 112 23.71 1.50 2.24
N GLU B 113 24.61 1.57 1.27
CA GLU B 113 25.58 2.68 1.16
C GLU B 113 24.79 4.00 1.05
N MET B 114 25.32 5.07 1.63
CA MET B 114 24.72 6.43 1.53
C MET B 114 25.12 6.96 0.14
N LEU B 115 24.17 7.46 -0.66
CA LEU B 115 24.46 8.09 -1.97
C LEU B 115 24.09 9.57 -1.89
N SER B 116 24.17 10.30 -3.00
CA SER B 116 23.82 11.74 -3.09
C SER B 116 22.41 11.90 -3.69
N TYR B 117 22.10 13.05 -4.31
CA TYR B 117 20.72 13.36 -4.72
C TYR B 117 20.40 12.61 -6.02
N ASN B 118 19.10 12.57 -6.34
CA ASN B 118 18.55 11.75 -7.46
C ASN B 118 18.42 12.63 -8.69
N LEU B 119 18.15 12.02 -9.86
CA LEU B 119 18.17 12.74 -11.15
C LEU B 119 16.96 13.67 -11.23
N TYR B 120 15.91 13.47 -10.42
CA TYR B 120 14.77 14.45 -10.42
C TYR B 120 15.22 15.74 -9.71
N ASP B 121 15.92 15.60 -8.57
CA ASP B 121 16.61 16.70 -7.85
C ASP B 121 17.46 17.51 -8.83
N LEU B 122 18.27 16.82 -9.61
CA LEU B 122 19.19 17.45 -10.59
C LEU B 122 18.35 18.28 -11.56
N LEU B 123 17.28 17.70 -12.09
CA LEU B 123 16.37 18.42 -13.01
C LEU B 123 15.81 19.67 -12.33
N ARG B 124 15.34 19.57 -11.07
CA ARG B 124 14.74 20.74 -10.35
C ARG B 124 15.79 21.85 -10.25
N ASN B 125 17.05 21.50 -9.97
CA ASN B 125 18.17 22.47 -9.85
C ASN B 125 18.46 23.14 -11.20
N THR B 126 17.99 22.63 -12.36
CA THR B 126 18.08 23.31 -13.69
C THR B 126 16.81 24.13 -13.94
N ASN B 127 15.92 24.22 -12.97
CA ASN B 127 14.56 24.83 -13.15
CA ASN B 127 14.58 24.85 -13.17
C ASN B 127 13.85 24.13 -14.31
N PHE B 128 14.12 22.81 -14.48
CA PHE B 128 13.42 21.92 -15.45
C PHE B 128 13.70 22.36 -16.89
N ARG B 129 14.93 22.80 -17.15
CA ARG B 129 15.36 23.21 -18.50
C ARG B 129 16.23 22.08 -19.09
N GLY B 130 16.59 21.10 -18.26
CA GLY B 130 17.31 19.89 -18.67
C GLY B 130 18.81 20.01 -18.51
N VAL B 131 19.51 18.88 -18.52
CA VAL B 131 20.99 18.83 -18.55
C VAL B 131 21.42 18.73 -20.01
N SER B 132 22.71 18.91 -20.27
CA SER B 132 23.31 18.90 -21.63
C SER B 132 23.19 17.52 -22.24
N LEU B 133 23.17 17.44 -23.56
CA LEU B 133 23.27 16.18 -24.35
C LEU B 133 24.51 15.39 -23.90
N ASN B 134 25.60 16.07 -23.48
CA ASN B 134 26.87 15.40 -23.09
C ASN B 134 26.70 14.73 -21.71
N LEU B 135 26.04 15.35 -20.75
CA LEU B 135 25.78 14.69 -19.44
C LEU B 135 24.67 13.62 -19.62
N THR B 136 23.65 13.90 -20.42
CA THR B 136 22.58 12.93 -20.80
C THR B 136 23.28 11.67 -21.31
N ARG B 137 24.30 11.82 -22.15
CA ARG B 137 24.99 10.67 -22.80
C ARG B 137 25.70 9.87 -21.72
N LYS B 138 26.24 10.55 -20.70
CA LYS B 138 27.01 9.85 -19.61
C LYS B 138 26.04 9.01 -18.76
N PHE B 139 24.90 9.60 -18.41
CA PHE B 139 23.81 8.86 -17.72
C PHE B 139 23.36 7.69 -18.62
N ALA B 140 23.13 7.93 -19.92
CA ALA B 140 22.59 6.92 -20.88
C ALA B 140 23.55 5.73 -20.98
N GLN B 141 24.86 5.99 -21.03
CA GLN B 141 25.86 4.89 -21.15
C GLN B 141 25.89 4.08 -19.86
N GLN B 142 25.83 4.74 -18.72
CA GLN B 142 25.90 4.01 -17.41
C GLN B 142 24.61 3.18 -17.24
N MET B 143 23.45 3.76 -17.56
CA MET B 143 22.14 3.05 -17.44
C MET B 143 22.11 1.83 -18.39
N CYS B 144 22.64 1.94 -19.61
CA CYS B 144 22.66 0.79 -20.55
C CYS B 144 23.60 -0.28 -19.99
N THR B 145 24.67 0.11 -19.31
CA THR B 145 25.65 -0.87 -18.77
C THR B 145 24.98 -1.60 -17.60
N ALA B 146 24.18 -0.88 -16.80
CA ALA B 146 23.39 -1.46 -15.68
C ALA B 146 22.38 -2.46 -16.26
N LEU B 147 21.66 -2.07 -17.31
CA LEU B 147 20.65 -2.97 -17.95
C LEU B 147 21.34 -4.21 -18.53
N LEU B 148 22.57 -4.07 -19.05
CA LEU B 148 23.35 -5.20 -19.60
C LEU B 148 23.61 -6.18 -18.46
N PHE B 149 23.99 -5.64 -17.31
CA PHE B 149 24.36 -6.44 -16.10
C PHE B 149 23.12 -7.25 -15.69
N LEU B 150 21.97 -6.58 -15.56
CA LEU B 150 20.68 -7.22 -15.14
C LEU B 150 20.27 -8.32 -16.13
N ALA B 151 20.58 -8.15 -17.43
CA ALA B 151 20.25 -9.10 -18.52
C ALA B 151 21.16 -10.33 -18.50
N THR B 152 22.23 -10.33 -17.70
CA THR B 152 23.04 -11.56 -17.47
C THR B 152 22.10 -12.74 -17.29
N PRO B 153 22.22 -13.86 -18.06
CA PRO B 153 21.26 -14.96 -17.97
C PRO B 153 20.98 -15.45 -16.53
N GLU B 154 22.02 -15.58 -15.72
CA GLU B 154 21.96 -16.08 -14.33
C GLU B 154 21.20 -15.06 -13.45
N LEU B 155 21.19 -13.78 -13.84
CA LEU B 155 20.38 -12.77 -13.13
C LEU B 155 18.98 -12.68 -13.78
N SER B 156 18.88 -12.18 -15.01
CA SER B 156 17.61 -12.01 -15.75
C SER B 156 16.63 -11.17 -14.91
N ILE B 157 17.13 -10.08 -14.33
CA ILE B 157 16.34 -9.22 -13.39
C ILE B 157 15.67 -8.09 -14.16
N ILE B 158 14.35 -7.95 -13.97
CA ILE B 158 13.54 -6.78 -14.43
C ILE B 158 13.40 -5.84 -13.24
N HIS B 159 13.86 -4.59 -13.34
CA HIS B 159 13.79 -3.59 -12.23
C HIS B 159 12.32 -3.22 -11.98
N CYS B 160 11.60 -2.84 -13.04
CA CYS B 160 10.11 -2.62 -13.06
C CYS B 160 9.78 -1.23 -12.53
N ASP B 161 10.74 -0.43 -12.10
CA ASP B 161 10.34 0.90 -11.58
C ASP B 161 11.43 1.92 -11.81
N LEU B 162 11.99 1.95 -13.02
CA LEU B 162 13.04 2.95 -13.37
C LEU B 162 12.32 4.28 -13.55
N LYS B 163 12.83 5.30 -12.89
CA LYS B 163 12.38 6.71 -13.00
C LYS B 163 13.51 7.59 -12.46
N PRO B 164 13.49 8.90 -12.74
CA PRO B 164 14.57 9.80 -12.32
C PRO B 164 14.83 9.70 -10.81
N GLU B 165 13.78 9.51 -9.99
CA GLU B 165 13.87 9.41 -8.50
C GLU B 165 14.65 8.17 -8.08
N ASN B 166 14.70 7.12 -8.91
CA ASN B 166 15.37 5.83 -8.56
C ASN B 166 16.78 5.77 -9.19
N ILE B 167 17.28 6.89 -9.72
CA ILE B 167 18.69 6.99 -10.23
C ILE B 167 19.39 8.07 -9.38
N LEU B 168 20.44 7.69 -8.62
CA LEU B 168 21.10 8.61 -7.67
C LEU B 168 22.56 8.86 -8.09
N LEU B 169 23.01 10.11 -7.89
CA LEU B 169 24.45 10.44 -7.99
C LEU B 169 25.19 9.77 -6.82
N CYS B 170 26.31 9.10 -7.07
CA CYS B 170 27.24 8.66 -5.99
C CYS B 170 27.78 9.87 -5.21
N ASN B 171 28.04 11.00 -5.88
CA ASN B 171 28.77 12.18 -5.34
C ASN B 171 28.24 13.40 -6.07
N PRO B 172 27.91 14.51 -5.37
CA PRO B 172 27.16 15.59 -6.01
C PRO B 172 27.95 16.40 -7.05
N LYS B 173 29.27 16.18 -7.14
CA LYS B 173 30.21 16.89 -8.04
C LYS B 173 30.70 15.95 -9.15
N ARG B 174 30.10 14.77 -9.32
CA ARG B 174 30.49 13.80 -10.39
C ARG B 174 29.25 13.13 -10.99
N SER B 175 29.43 12.47 -12.14
CA SER B 175 28.34 12.01 -13.02
C SER B 175 28.08 10.52 -12.80
N ALA B 176 28.83 9.88 -11.89
CA ALA B 176 28.65 8.47 -11.51
C ALA B 176 27.24 8.31 -10.92
N ILE B 177 26.51 7.29 -11.40
CA ILE B 177 25.11 7.03 -10.95
C ILE B 177 24.96 5.58 -10.53
N LYS B 178 24.01 5.35 -9.64
CA LYS B 178 23.64 3.99 -9.18
C LYS B 178 22.11 3.87 -9.20
N ILE B 179 21.62 2.68 -9.53
CA ILE B 179 20.15 2.41 -9.58
C ILE B 179 19.71 2.00 -8.17
N VAL B 180 18.65 2.58 -7.67
CA VAL B 180 18.07 2.16 -6.36
C VAL B 180 16.65 1.58 -6.55
N ASP B 181 16.19 0.91 -5.50
CA ASP B 181 14.80 0.46 -5.26
C ASP B 181 14.46 -0.69 -6.21
N PHE B 182 14.82 -1.89 -5.81
CA PHE B 182 14.41 -3.17 -6.42
C PHE B 182 13.18 -3.75 -5.68
N GLY B 183 12.37 -2.86 -5.07
CA GLY B 183 11.21 -3.27 -4.27
C GLY B 183 10.06 -3.70 -5.14
N SER B 184 10.09 -3.45 -6.45
CA SER B 184 9.04 -4.06 -7.30
C SER B 184 9.63 -4.99 -8.38
N SER B 185 10.87 -5.44 -8.19
CA SER B 185 11.65 -6.17 -9.20
C SER B 185 11.28 -7.67 -9.19
N CYS B 186 11.43 -8.32 -10.35
CA CYS B 186 11.28 -9.80 -10.45
C CYS B 186 12.28 -10.34 -11.46
N GLN B 187 12.58 -11.64 -11.38
CA GLN B 187 13.34 -12.35 -12.42
C GLN B 187 12.39 -12.76 -13.57
N LEU B 188 12.90 -12.81 -14.78
CA LEU B 188 12.18 -13.25 -15.99
C LEU B 188 11.47 -14.59 -15.67
N GLY B 189 10.19 -14.70 -15.97
CA GLY B 189 9.39 -15.92 -15.66
C GLY B 189 8.75 -15.92 -14.28
N GLN B 190 8.99 -14.92 -13.41
CA GLN B 190 8.35 -14.83 -12.06
C GLN B 190 7.55 -13.52 -11.91
N ARG B 191 6.95 -13.03 -12.98
CA ARG B 191 5.93 -11.96 -12.97
C ARG B 191 4.81 -12.36 -11.99
N ILE B 192 4.50 -11.49 -11.01
CA ILE B 192 3.37 -11.67 -10.06
C ILE B 192 2.44 -10.45 -10.08
N TYR B 193 2.85 -9.30 -10.60
CA TYR B 193 2.04 -8.06 -10.67
C TYR B 193 1.74 -7.77 -12.14
N GLN B 194 0.46 -7.57 -12.42
CA GLN B 194 -0.08 -7.11 -13.72
C GLN B 194 0.17 -5.62 -13.82
N PTR B 195 -0.03 -4.94 -12.68
CA PTR B 195 0.09 -3.50 -12.59
C PTR B 195 1.44 -3.15 -11.98
O PTR B 195 1.60 -3.31 -10.77
CB PTR B 195 -1.04 -2.90 -11.74
CG PTR B 195 -1.12 -1.40 -11.79
CD1 PTR B 195 -0.45 -0.59 -10.86
CD2 PTR B 195 -1.85 -0.77 -12.79
CE1 PTR B 195 -0.52 0.80 -10.91
CE2 PTR B 195 -1.94 0.60 -12.87
CZ PTR B 195 -1.28 1.37 -11.92
OH PTR B 195 -1.46 2.76 -12.09
P PTR B 195 -1.26 3.84 -10.99
O1P PTR B 195 -1.62 3.27 -9.63
O2P PTR B 195 0.17 4.19 -11.03
O3P PTR B 195 -2.12 4.98 -11.33
N ILE B 196 2.34 -2.58 -12.79
CA ILE B 196 3.70 -2.30 -12.36
C ILE B 196 4.31 -1.12 -13.16
N GLN B 197 5.39 -0.52 -12.65
CA GLN B 197 6.12 0.65 -13.24
C GLN B 197 5.37 1.93 -12.88
N SER B 198 6.08 3.05 -12.64
CA SER B 198 5.47 4.37 -12.30
C SER B 198 4.87 4.87 -13.61
N ARG B 199 3.68 5.45 -13.54
CA ARG B 199 2.80 5.62 -14.74
C ARG B 199 3.54 6.28 -15.92
N PHE B 200 4.33 7.34 -15.69
CA PHE B 200 4.93 8.13 -16.81
C PHE B 200 5.93 7.26 -17.57
N TYR B 201 6.43 6.20 -16.91
CA TYR B 201 7.57 5.37 -17.37
C TYR B 201 7.06 3.97 -17.74
N ARG B 202 5.75 3.80 -17.78
CA ARG B 202 5.10 2.48 -17.90
C ARG B 202 4.97 2.15 -19.40
N SER B 203 5.41 0.93 -19.74
CA SER B 203 5.51 0.42 -21.12
C SER B 203 4.13 0.10 -21.67
N PRO B 204 3.93 0.16 -23.00
CA PRO B 204 2.67 -0.21 -23.62
C PRO B 204 2.26 -1.65 -23.27
N GLU B 205 3.20 -2.59 -23.18
CA GLU B 205 2.84 -3.99 -22.87
C GLU B 205 2.19 -4.05 -21.47
N VAL B 206 2.70 -3.28 -20.49
CA VAL B 206 2.13 -3.29 -19.12
C VAL B 206 0.75 -2.59 -19.13
N LEU B 207 0.61 -1.45 -19.80
CA LEU B 207 -0.68 -0.72 -19.92
C LEU B 207 -1.71 -1.63 -20.60
N LEU B 208 -1.32 -2.39 -21.62
CA LEU B 208 -2.20 -3.36 -22.33
C LEU B 208 -2.45 -4.66 -21.51
N GLY B 209 -1.82 -4.84 -20.33
CA GLY B 209 -2.09 -5.97 -19.43
C GLY B 209 -1.42 -7.23 -19.93
N MET B 210 -0.33 -7.09 -20.71
CA MET B 210 0.32 -8.21 -21.43
C MET B 210 1.48 -8.73 -20.58
N PRO B 211 1.99 -9.95 -20.86
CA PRO B 211 3.15 -10.45 -20.14
C PRO B 211 4.30 -9.52 -20.51
N TYR B 212 5.33 -9.47 -19.66
CA TYR B 212 6.44 -8.51 -19.86
C TYR B 212 7.76 -9.20 -19.51
N ASP B 213 8.85 -8.60 -19.99
CA ASP B 213 10.22 -9.13 -19.88
C ASP B 213 11.17 -7.95 -19.63
N LEU B 214 12.48 -8.12 -19.81
CA LEU B 214 13.43 -7.04 -19.41
C LEU B 214 13.24 -5.79 -20.29
N ALA B 215 12.53 -5.89 -21.43
CA ALA B 215 12.39 -4.76 -22.38
C ALA B 215 11.60 -3.61 -21.75
N ILE B 216 10.78 -3.84 -20.71
CA ILE B 216 9.97 -2.75 -20.08
C ILE B 216 10.95 -1.73 -19.47
N ASP B 217 12.11 -2.16 -19.01
CA ASP B 217 13.16 -1.29 -18.40
C ASP B 217 13.81 -0.41 -19.47
N MET B 218 14.00 -0.92 -20.69
CA MET B 218 14.53 -0.12 -21.85
C MET B 218 13.53 0.96 -22.26
N TRP B 219 12.23 0.64 -22.30
CA TRP B 219 11.18 1.65 -22.50
C TRP B 219 11.30 2.77 -21.46
N SER B 220 11.43 2.44 -20.16
CA SER B 220 11.49 3.45 -19.07
C SER B 220 12.69 4.36 -19.32
N LEU B 221 13.84 3.75 -19.63
CA LEU B 221 15.12 4.47 -19.90
C LEU B 221 14.96 5.47 -21.06
N GLY B 222 14.37 5.06 -22.20
CA GLY B 222 13.93 5.97 -23.27
C GLY B 222 13.29 7.24 -22.71
N CYS B 223 12.22 7.06 -21.95
CA CYS B 223 11.40 8.16 -21.38
C CYS B 223 12.29 9.03 -20.47
N ILE B 224 13.12 8.40 -19.64
CA ILE B 224 13.96 9.10 -18.63
C ILE B 224 14.98 10.00 -19.37
N LEU B 225 15.65 9.46 -20.40
CA LEU B 225 16.72 10.17 -21.12
C LEU B 225 16.15 11.39 -21.84
N VAL B 226 14.95 11.33 -22.42
CA VAL B 226 14.32 12.52 -23.06
C VAL B 226 14.07 13.59 -21.99
N GLU B 227 13.48 13.20 -20.87
CA GLU B 227 13.21 14.09 -19.71
C GLU B 227 14.53 14.68 -19.17
N MET B 228 15.60 13.90 -19.03
CA MET B 228 16.87 14.44 -18.51
C MET B 228 17.35 15.59 -19.41
N HIS B 229 17.11 15.54 -20.72
CA HIS B 229 17.58 16.56 -21.69
C HIS B 229 16.58 17.72 -21.83
N THR B 230 15.26 17.48 -21.82
CA THR B 230 14.23 18.56 -22.03
C THR B 230 13.80 19.15 -20.68
N GLY B 231 13.93 18.39 -19.61
CA GLY B 231 13.52 18.79 -18.25
C GLY B 231 12.10 18.40 -17.89
N GLU B 232 11.29 17.95 -18.85
CA GLU B 232 9.85 17.61 -18.70
C GLU B 232 9.60 16.15 -19.04
N PRO B 233 8.62 15.48 -18.40
CA PRO B 233 8.30 14.10 -18.73
C PRO B 233 7.85 14.01 -20.19
N LEU B 234 8.31 12.99 -20.94
CA LEU B 234 7.86 12.77 -22.33
C LEU B 234 6.36 12.47 -22.36
N PHE B 235 5.87 11.58 -21.49
CA PHE B 235 4.46 11.13 -21.49
C PHE B 235 3.89 11.29 -20.08
N SER B 236 3.23 12.41 -19.82
CA SER B 236 2.78 12.75 -18.46
C SER B 236 1.28 12.44 -18.30
N GLY B 237 0.89 11.17 -18.23
CA GLY B 237 -0.53 10.76 -18.10
C GLY B 237 -1.03 10.92 -16.68
N ALA B 238 -2.27 11.42 -16.53
CA ALA B 238 -3.04 11.57 -15.28
C ALA B 238 -3.62 10.22 -14.80
N ASN B 239 -3.76 9.28 -15.74
CA ASN B 239 -4.39 7.95 -15.52
C ASN B 239 -3.99 7.05 -16.71
N GLU B 240 -4.34 5.76 -16.69
CA GLU B 240 -3.73 4.85 -17.72
C GLU B 240 -4.29 5.17 -19.12
N VAL B 241 -5.53 5.62 -19.25
CA VAL B 241 -6.11 5.98 -20.58
C VAL B 241 -5.37 7.21 -21.12
N ASP B 242 -5.17 8.24 -20.28
CA ASP B 242 -4.44 9.48 -20.65
C ASP B 242 -3.00 9.10 -21.01
N GLN B 243 -2.37 8.20 -20.26
CA GLN B 243 -0.97 7.74 -20.50
C GLN B 243 -0.88 7.13 -21.91
N MET B 244 -1.78 6.20 -22.25
CA MET B 244 -1.71 5.49 -23.56
C MET B 244 -1.97 6.52 -24.69
N ASN B 245 -2.87 7.48 -24.47
CA ASN B 245 -3.16 8.54 -25.46
C ASN B 245 -1.92 9.45 -25.68
N LYS B 246 -1.21 9.80 -24.63
CA LYS B 246 0.02 10.61 -24.76
C LYS B 246 1.10 9.80 -25.50
N ILE B 247 1.18 8.51 -25.27
CA ILE B 247 2.12 7.67 -26.06
C ILE B 247 1.71 7.74 -27.54
N VAL B 248 0.44 7.54 -27.85
CA VAL B 248 -0.06 7.50 -29.25
C VAL B 248 0.20 8.83 -29.97
N GLU B 249 0.05 9.97 -29.29
CA GLU B 249 0.36 11.33 -29.87
C GLU B 249 1.75 11.34 -30.52
N VAL B 250 2.71 10.68 -29.90
CA VAL B 250 4.12 10.71 -30.36
C VAL B 250 4.33 9.56 -31.34
N LEU B 251 3.82 8.35 -31.04
CA LEU B 251 4.35 7.12 -31.68
C LEU B 251 3.31 6.48 -32.59
N GLY B 252 2.10 7.01 -32.64
CA GLY B 252 1.01 6.44 -33.49
C GLY B 252 0.31 5.23 -32.83
N ILE B 253 -0.69 4.66 -33.51
CA ILE B 253 -1.45 3.47 -33.06
C ILE B 253 -0.46 2.30 -33.00
N PRO B 254 -0.43 1.52 -31.89
CA PRO B 254 0.47 0.38 -31.79
C PRO B 254 0.18 -0.60 -32.92
N PRO B 255 1.12 -1.51 -33.28
CA PRO B 255 0.89 -2.53 -34.32
C PRO B 255 -0.30 -3.47 -34.06
N ALA B 256 -1.05 -3.81 -35.11
CA ALA B 256 -2.20 -4.74 -35.03
C ALA B 256 -1.82 -6.06 -34.33
N HIS B 257 -0.67 -6.67 -34.66
CA HIS B 257 -0.25 -7.97 -34.09
C HIS B 257 -0.17 -7.89 -32.56
N ILE B 258 0.19 -6.73 -32.01
CA ILE B 258 0.25 -6.45 -30.54
C ILE B 258 -1.17 -6.30 -30.00
N LEU B 259 -1.97 -5.39 -30.56
CA LEU B 259 -3.33 -5.14 -30.02
C LEU B 259 -4.22 -6.40 -30.12
N ASP B 260 -3.99 -7.22 -31.13
CA ASP B 260 -4.73 -8.47 -31.36
C ASP B 260 -4.58 -9.45 -30.19
N GLN B 261 -3.43 -9.43 -29.47
CA GLN B 261 -3.14 -10.38 -28.37
C GLN B 261 -3.26 -9.68 -27.01
N ALA B 262 -3.66 -8.42 -26.97
CA ALA B 262 -3.59 -7.59 -25.74
C ALA B 262 -4.89 -7.73 -24.97
N PRO B 263 -4.88 -8.17 -23.69
CA PRO B 263 -6.12 -8.29 -22.94
C PRO B 263 -6.88 -6.97 -22.81
N LYS B 264 -6.16 -5.84 -22.73
CA LYS B 264 -6.81 -4.55 -22.35
C LYS B 264 -6.92 -3.66 -23.59
N ALA B 265 -6.76 -4.19 -24.81
CA ALA B 265 -6.76 -3.39 -26.04
C ALA B 265 -8.03 -2.53 -26.06
N ARG B 266 -9.15 -3.07 -25.56
CA ARG B 266 -10.47 -2.44 -25.81
C ARG B 266 -10.74 -1.43 -24.71
N LYS B 267 -9.83 -1.31 -23.76
CA LYS B 267 -9.84 -0.16 -22.82
C LYS B 267 -9.48 1.14 -23.57
N PHE B 268 -8.68 1.10 -24.63
CA PHE B 268 -8.07 2.30 -25.28
C PHE B 268 -8.41 2.39 -26.77
N PHE B 269 -8.59 1.25 -27.44
CA PHE B 269 -8.73 1.17 -28.92
C PHE B 269 -10.02 0.42 -29.28
N GLU B 270 -10.40 0.46 -30.57
CA GLU B 270 -11.58 -0.28 -31.09
C GLU B 270 -11.25 -0.77 -32.50
N LYS B 271 -11.65 -2.00 -32.82
CA LYS B 271 -11.34 -2.70 -34.10
C LYS B 271 -12.51 -2.44 -35.05
N LEU B 272 -12.21 -1.93 -36.24
CA LEU B 272 -13.21 -1.58 -37.27
C LEU B 272 -13.34 -2.75 -38.23
N PRO B 273 -14.36 -2.73 -39.12
CA PRO B 273 -14.55 -3.79 -40.13
C PRO B 273 -13.27 -4.28 -40.83
N ASP B 274 -12.32 -3.37 -41.10
CA ASP B 274 -11.15 -3.57 -42.00
C ASP B 274 -10.10 -4.46 -41.34
N GLY B 275 -10.25 -4.73 -40.04
CA GLY B 275 -9.23 -5.43 -39.22
C GLY B 275 -8.23 -4.44 -38.66
N THR B 276 -8.51 -3.13 -38.81
CA THR B 276 -7.58 -2.05 -38.34
C THR B 276 -8.14 -1.45 -37.07
N TRP B 277 -7.22 -1.10 -36.17
CA TRP B 277 -7.50 -0.56 -34.83
C TRP B 277 -7.46 0.97 -34.87
N ASN B 278 -8.23 1.67 -34.05
CA ASN B 278 -7.89 3.08 -33.71
C ASN B 278 -8.50 3.43 -32.38
N LEU B 279 -8.25 4.66 -31.91
CA LEU B 279 -8.64 5.13 -30.55
C LEU B 279 -10.16 5.09 -30.43
N LYS B 280 -10.68 4.77 -29.24
CA LYS B 280 -12.11 4.89 -28.84
C LYS B 280 -12.58 6.34 -29.01
N LYS B 281 -13.80 6.56 -29.55
CA LYS B 281 -14.34 7.87 -30.04
C LYS B 281 -14.34 8.95 -28.94
N GLU B 288 -9.40 16.09 -26.03
CA GLU B 288 -8.68 16.47 -27.27
C GLU B 288 -7.18 16.14 -27.12
N TYR B 289 -6.67 15.28 -28.01
CA TYR B 289 -5.24 14.93 -28.18
C TYR B 289 -4.84 15.32 -29.60
N LYS B 290 -3.56 15.54 -29.83
CA LYS B 290 -3.01 15.67 -31.20
C LYS B 290 -3.24 14.35 -31.93
N PRO B 291 -3.61 14.35 -33.22
CA PRO B 291 -3.76 13.10 -33.96
C PRO B 291 -2.57 12.15 -33.84
N PRO B 292 -2.79 10.83 -33.98
CA PRO B 292 -1.73 9.85 -33.71
C PRO B 292 -0.47 10.12 -34.51
N GLY B 293 0.67 10.20 -33.82
CA GLY B 293 2.01 10.27 -34.44
C GLY B 293 2.36 11.65 -34.96
N THR B 294 1.59 12.70 -34.60
CA THR B 294 1.85 14.09 -35.06
C THR B 294 2.62 14.93 -34.02
N ARG B 295 2.85 14.40 -32.80
CA ARG B 295 3.72 15.08 -31.81
C ARG B 295 5.10 14.47 -31.93
N LYS B 296 5.88 14.97 -32.91
CA LYS B 296 7.11 14.29 -33.40
C LYS B 296 8.21 14.43 -32.35
N LEU B 297 8.89 13.34 -32.03
CA LEU B 297 10.04 13.41 -31.11
C LEU B 297 11.09 14.38 -31.67
N HIS B 298 11.28 14.46 -33.01
CA HIS B 298 12.27 15.41 -33.61
C HIS B 298 11.99 16.85 -33.13
N ASN B 299 10.72 17.24 -32.98
CA ASN B 299 10.31 18.58 -32.49
C ASN B 299 10.42 18.67 -30.96
N ILE B 300 10.17 17.59 -30.23
CA ILE B 300 10.23 17.63 -28.74
C ILE B 300 11.69 17.91 -28.37
N LEU B 301 12.60 17.21 -29.04
CA LEU B 301 14.06 17.36 -28.79
C LEU B 301 14.62 18.66 -29.40
N GLY B 302 13.92 19.32 -30.34
CA GLY B 302 14.43 20.47 -31.10
C GLY B 302 15.67 20.11 -31.91
N VAL B 303 15.61 19.00 -32.65
CA VAL B 303 16.76 18.43 -33.40
C VAL B 303 17.30 19.50 -34.37
N GLU B 304 16.42 20.21 -35.10
CA GLU B 304 16.82 21.18 -36.16
C GLU B 304 16.65 22.64 -35.71
N THR B 305 16.28 22.89 -34.43
CA THR B 305 15.81 24.19 -33.90
C THR B 305 16.53 24.51 -32.59
N GLY B 306 17.77 24.02 -32.47
CA GLY B 306 18.71 24.37 -31.39
C GLY B 306 18.34 23.69 -30.07
N GLY B 307 17.78 22.47 -30.13
CA GLY B 307 17.50 21.66 -28.92
C GLY B 307 16.29 22.16 -28.15
N PRO B 308 16.05 21.61 -26.94
CA PRO B 308 14.84 21.95 -26.17
C PRO B 308 14.73 23.46 -25.93
N GLY B 309 13.60 24.05 -26.36
CA GLY B 309 13.28 25.48 -26.26
C GLY B 309 14.29 26.35 -27.00
N GLY B 310 14.97 25.77 -28.00
CA GLY B 310 15.91 26.47 -28.89
C GLY B 310 17.15 26.99 -28.19
N ARG B 311 17.46 26.47 -26.99
CA ARG B 311 18.50 27.01 -26.07
C ARG B 311 19.91 26.52 -26.40
N ARG B 312 20.08 25.42 -27.16
CA ARG B 312 21.37 24.69 -27.24
C ARG B 312 22.07 25.00 -28.57
N ALA B 313 21.49 25.83 -29.45
CA ALA B 313 22.15 26.23 -30.72
C ALA B 313 23.55 26.79 -30.39
N GLY B 314 24.57 26.20 -30.99
CA GLY B 314 25.95 26.70 -30.89
C GLY B 314 26.73 25.87 -29.91
N GLU B 315 26.08 25.20 -28.96
CA GLU B 315 26.83 24.54 -27.86
C GLU B 315 27.68 23.41 -28.45
N SER B 316 28.93 23.24 -27.99
CA SER B 316 29.76 22.04 -28.34
C SER B 316 28.89 20.79 -28.18
N GLY B 317 28.91 19.88 -29.16
CA GLY B 317 28.27 18.54 -29.08
C GLY B 317 26.74 18.59 -29.19
N HIS B 318 26.17 19.73 -29.57
CA HIS B 318 24.70 19.94 -29.76
C HIS B 318 24.37 20.24 -31.24
N THR B 319 25.13 19.65 -32.18
CA THR B 319 24.89 19.81 -33.65
C THR B 319 23.67 18.97 -34.05
N VAL B 320 23.03 19.31 -35.19
CA VAL B 320 21.97 18.47 -35.83
C VAL B 320 22.41 16.99 -35.91
N ALA B 321 23.64 16.71 -36.34
CA ALA B 321 24.17 15.32 -36.41
C ALA B 321 24.12 14.66 -35.02
N ASP B 322 24.52 15.40 -33.97
CA ASP B 322 24.55 14.87 -32.58
C ASP B 322 23.11 14.50 -32.16
N TYR B 323 22.15 15.34 -32.49
CA TYR B 323 20.74 15.19 -32.12
C TYR B 323 20.13 14.00 -32.90
N LEU B 324 20.43 13.87 -34.19
CA LEU B 324 19.86 12.75 -35.01
C LEU B 324 20.31 11.41 -34.39
N LYS B 325 21.51 11.32 -33.86
CA LYS B 325 21.97 10.06 -33.22
C LYS B 325 21.18 9.79 -31.92
N PHE B 326 21.01 10.80 -31.08
CA PHE B 326 20.22 10.71 -29.84
C PHE B 326 18.79 10.27 -30.18
N LYS B 327 18.19 10.94 -31.14
CA LYS B 327 16.79 10.69 -31.59
C LYS B 327 16.67 9.24 -32.08
N ASP B 328 17.61 8.76 -32.89
CA ASP B 328 17.56 7.37 -33.41
C ASP B 328 17.55 6.41 -32.23
N LEU B 329 18.43 6.62 -31.24
CA LEU B 329 18.55 5.67 -30.10
C LEU B 329 17.24 5.69 -29.30
N ILE B 330 16.70 6.87 -29.05
CA ILE B 330 15.46 7.01 -28.24
C ILE B 330 14.36 6.21 -28.93
N LEU B 331 14.17 6.37 -30.26
CA LEU B 331 13.12 5.68 -31.05
C LEU B 331 13.37 4.16 -31.03
N ARG B 332 14.60 3.68 -30.93
CA ARG B 332 14.85 2.20 -30.81
C ARG B 332 14.45 1.74 -29.38
N MET B 333 14.62 2.60 -28.38
CA MET B 333 14.23 2.31 -26.97
C MET B 333 12.70 2.30 -26.83
N LEU B 334 11.99 3.09 -27.66
CA LEU B 334 10.53 3.28 -27.63
C LEU B 334 9.85 2.49 -28.77
N ASP B 335 10.48 1.44 -29.25
CA ASP B 335 9.81 0.49 -30.16
C ASP B 335 8.57 -0.08 -29.41
N TYR B 336 7.38 -0.06 -30.04
CA TYR B 336 6.15 -0.65 -29.48
C TYR B 336 6.36 -2.15 -29.22
N ASP B 337 7.12 -2.83 -30.06
CA ASP B 337 7.25 -4.31 -30.03
C ASP B 337 8.41 -4.70 -29.11
N PRO B 338 8.15 -5.31 -27.93
CA PRO B 338 9.23 -5.63 -27.01
C PRO B 338 10.23 -6.63 -27.61
N LYS B 339 9.87 -7.37 -28.67
CA LYS B 339 10.77 -8.36 -29.30
C LYS B 339 11.84 -7.64 -30.13
N THR B 340 11.53 -6.50 -30.73
CA THR B 340 12.48 -5.80 -31.63
C THR B 340 13.08 -4.57 -30.94
N ARG B 341 12.55 -4.18 -29.77
CA ARG B 341 13.05 -3.01 -28.98
C ARG B 341 14.55 -3.22 -28.73
N ILE B 342 15.36 -2.18 -28.83
CA ILE B 342 16.83 -2.31 -28.68
C ILE B 342 17.19 -2.93 -27.30
N GLN B 343 18.13 -3.87 -27.30
CA GLN B 343 18.63 -4.53 -26.08
C GLN B 343 19.93 -3.85 -25.60
N PRO B 344 20.29 -3.98 -24.30
CA PRO B 344 21.44 -3.26 -23.72
C PRO B 344 22.78 -3.39 -24.47
N TYR B 345 23.14 -4.60 -24.90
CA TYR B 345 24.38 -4.86 -25.67
C TYR B 345 24.43 -3.95 -26.91
N TYR B 346 23.35 -3.90 -27.69
CA TYR B 346 23.31 -3.15 -28.99
C TYR B 346 23.14 -1.67 -28.73
N ALA B 347 22.46 -1.30 -27.67
CA ALA B 347 22.36 0.13 -27.31
C ALA B 347 23.79 0.67 -27.11
N LEU B 348 24.66 -0.10 -26.44
CA LEU B 348 26.01 0.39 -26.07
C LEU B 348 26.85 0.59 -27.34
N GLN B 349 26.55 -0.12 -28.43
CA GLN B 349 27.25 -0.06 -29.75
C GLN B 349 26.66 1.07 -30.61
N HIS B 350 25.63 1.77 -30.14
CA HIS B 350 24.96 2.80 -30.96
C HIS B 350 25.95 3.94 -31.24
N SER B 351 25.77 4.62 -32.38
CA SER B 351 26.68 5.71 -32.83
C SER B 351 26.64 6.85 -31.80
N PHE B 352 25.56 6.97 -31.00
CA PHE B 352 25.39 8.05 -30.00
C PHE B 352 26.55 7.94 -29.00
N PHE B 353 27.09 6.74 -28.80
CA PHE B 353 28.17 6.49 -27.81
C PHE B 353 29.57 6.47 -28.47
N ALA B 354 29.71 6.50 -29.80
CA ALA B 354 31.01 6.31 -30.52
C ALA B 354 31.99 7.41 -30.12
C1 RKH C . -13.78 13.04 12.79
N1 RKH C . -15.63 5.42 5.15
O1 RKH C . -15.09 12.01 11.00
C2 RKH C . -13.89 12.08 11.67
N2 RKH C . -13.41 5.70 5.71
C3 RKH C . -13.04 11.18 11.16
N3 RKH C . -11.17 5.96 6.19
C4 RKH C . -13.71 10.49 10.07
C5 RKH C . -14.96 11.07 10.01
C6 RKH C . -15.93 10.66 9.12
C7 RKH C . -15.58 9.66 8.23
C8 RKH C . -14.31 9.06 8.23
C9 RKH C . -13.38 9.48 9.15
C10 RKH C . -14.01 7.94 7.29
C11 RKH C . -15.02 7.23 6.63
C12 RKH C . -14.68 6.14 5.80
C13 RKH C . -12.44 6.37 6.36
C14 RKH C . -12.72 7.45 7.21
C1 GOL D . -4.58 -3.85 7.42
O1 GOL D . -5.14 -3.39 8.65
C2 GOL D . -4.98 -5.28 7.08
O2 GOL D . -3.82 -6.12 7.03
C3 GOL D . -5.72 -5.42 5.76
O3 GOL D . -4.97 -6.20 4.82
C1 RKH E . 20.69 9.43 -0.11
N1 RKH E . 16.93 -0.53 -2.62
O1 RKH E . 20.89 6.99 -0.33
C2 RKH E . 20.08 8.10 -0.38
N2 RKH E . 15.23 0.98 -2.16
C3 RKH E . 18.82 7.77 -0.71
N3 RKH E . 13.57 2.50 -1.71
C4 RKH E . 18.77 6.32 -0.85
C5 RKH E . 20.07 5.90 -0.60
C6 RKH E . 20.47 4.58 -0.65
C7 RKH E . 19.50 3.66 -0.97
C8 RKH E . 18.16 4.02 -1.24
C9 RKH E . 17.80 5.38 -1.18
C10 RKH E . 17.16 2.97 -1.56
C11 RKH E . 17.54 1.69 -1.96
C12 RKH E . 16.56 0.71 -2.23
C13 RKH E . 14.86 2.23 -1.79
C14 RKH E . 15.80 3.23 -1.48
S DMS F . 4.88 9.09 -12.47
O DMS F . 5.37 7.82 -13.04
C1 DMS F . 3.38 8.71 -11.57
C2 DMS F . 5.99 9.48 -11.12
#